data_3C0K
#
_entry.id   3C0K
#
_cell.length_a   64.312
_cell.length_b   80.875
_cell.length_c   66.155
_cell.angle_alpha   90.00
_cell.angle_beta   98.91
_cell.angle_gamma   90.00
#
_symmetry.space_group_name_H-M   'P 1 21 1'
#
loop_
_entity.id
_entity.type
_entity.pdbx_description
1 polymer 'UPF0064 protein yccW'
2 water water
#
_entity_poly.entity_id   1
_entity_poly.type   'polypeptide(L)'
_entity_poly.pdbx_seq_one_letter_code
;(MSE)SVRLVLAKGREKSLLRRHPWVFSGAVAR(MSE)EGKASLGETIDIVDHQGKWLARGAYSPASQIRARVWTFDPSE
SIDIAFFSRRLQQAQKWRDWLAQKDGLDSYRLIAGESDGLPGITIDRFGNFLVLQLLSAGAEYQRAALISALQTLYPECS
IYDRSDVAVRKKEG(MSE)ELTQGPVTGELPPALLPIEEHG(MSE)KLLVDIQHGHKTGYYLDQRDSRLATRRYVENKRV
LNCFSYTGGFAVSAL(MSE)GGCSQVVSVDTSQEALDIARQNVELNKLDLSKAEFVRDDVFKLLRTYRDRGEKFDVIV
(MSE)DPPKFVENKSQL(MSE)GACRGYKDIN(MSE)LAIQLLNEGGILLTFSCSGL(MSE)TSDLFQKIIADAAIDAGR
DVQFIEQFRQAADHPVIATYPEGLYLKGFACRV(MSE)
;
_entity_poly.pdbx_strand_id   A,B
#
# COMPACT_ATOMS: atom_id res chain seq x y z
N SER A 2 -35.60 5.89 -25.94
CA SER A 2 -34.50 6.87 -26.20
C SER A 2 -34.53 7.99 -25.17
N VAL A 3 -35.04 7.67 -23.99
CA VAL A 3 -35.13 8.65 -22.90
C VAL A 3 -33.74 9.21 -22.56
N ARG A 4 -33.69 10.50 -22.28
CA ARG A 4 -32.43 11.17 -21.97
C ARG A 4 -32.40 11.85 -20.60
N LEU A 5 -31.22 11.87 -20.01
CA LEU A 5 -31.01 12.51 -18.71
C LEU A 5 -30.17 13.76 -19.00
N VAL A 6 -30.79 14.92 -18.86
CA VAL A 6 -30.11 16.19 -19.11
C VAL A 6 -29.38 16.69 -17.88
N LEU A 7 -28.13 17.10 -18.06
CA LEU A 7 -27.32 17.59 -16.95
C LEU A 7 -27.31 19.11 -16.88
N ALA A 8 -27.24 19.64 -15.67
CA ALA A 8 -27.20 21.08 -15.47
C ALA A 8 -25.94 21.62 -16.15
N LYS A 9 -26.01 22.87 -16.61
CA LYS A 9 -24.87 23.48 -17.28
C LYS A 9 -23.64 23.44 -16.39
N GLY A 10 -22.50 23.08 -17.00
CA GLY A 10 -21.25 23.01 -16.26
C GLY A 10 -21.23 21.92 -15.19
N ARG A 11 -22.06 20.90 -15.37
CA ARG A 11 -22.12 19.79 -14.40
C ARG A 11 -21.80 18.46 -15.05
N GLU A 12 -21.16 18.51 -16.21
CA GLU A 12 -20.79 17.29 -16.93
C GLU A 12 -19.30 17.02 -16.82
N LYS A 13 -18.61 17.80 -15.99
CA LYS A 13 -17.18 17.63 -15.81
C LYS A 13 -16.85 16.22 -15.33
N SER A 14 -17.76 15.63 -14.54
CA SER A 14 -17.55 14.29 -14.03
C SER A 14 -17.48 13.30 -15.18
N LEU A 15 -18.43 13.39 -16.10
CA LEU A 15 -18.46 12.49 -17.25
C LEU A 15 -17.24 12.70 -18.15
N LEU A 16 -16.72 13.91 -18.15
CA LEU A 16 -15.54 14.22 -18.96
C LEU A 16 -14.32 13.53 -18.36
N ARG A 17 -14.39 13.23 -17.07
CA ARG A 17 -13.30 12.55 -16.36
C ARG A 17 -13.63 11.07 -16.38
N ARG A 18 -14.70 10.73 -17.09
CA ARG A 18 -15.17 9.36 -17.24
C ARG A 18 -15.59 8.69 -15.93
N HIS A 19 -16.01 9.50 -14.95
CA HIS A 19 -16.46 8.92 -13.70
C HIS A 19 -17.75 8.18 -14.04
N PRO A 20 -17.95 6.98 -13.46
CA PRO A 20 -19.14 6.17 -13.72
C PRO A 20 -20.46 6.64 -13.09
N TRP A 21 -20.36 7.50 -12.08
CA TRP A 21 -21.55 7.97 -11.39
C TRP A 21 -22.06 9.37 -11.74
N VAL A 22 -23.39 9.47 -11.83
CA VAL A 22 -24.08 10.71 -12.13
C VAL A 22 -25.06 10.91 -10.98
N PHE A 23 -24.73 11.85 -10.09
CA PHE A 23 -25.55 12.11 -8.92
C PHE A 23 -26.78 12.93 -9.27
N SER A 24 -27.84 12.77 -8.47
CA SER A 24 -29.10 13.47 -8.68
C SER A 24 -28.96 14.98 -8.82
N GLY A 25 -28.19 15.60 -7.93
CA GLY A 25 -28.01 17.03 -7.97
C GLY A 25 -27.53 17.56 -9.31
N ALA A 26 -26.94 16.67 -10.12
CA ALA A 26 -26.43 17.06 -11.43
C ALA A 26 -27.48 17.02 -12.52
N VAL A 27 -28.55 16.26 -12.30
CA VAL A 27 -29.60 16.14 -13.29
C VAL A 27 -30.44 17.40 -13.41
N ALA A 28 -30.52 17.96 -14.61
CA ALA A 28 -31.31 19.15 -14.87
C ALA A 28 -32.77 18.74 -15.03
N ARG A 29 -32.99 17.78 -15.92
CA ARG A 29 -34.34 17.28 -16.18
C ARG A 29 -34.30 15.97 -16.95
N GLU A 31 -35.85 14.03 -19.87
CA GLU A 31 -36.69 14.20 -21.05
C GLU A 31 -37.20 12.82 -21.46
N GLY A 32 -38.33 12.43 -20.87
CA GLY A 32 -38.91 11.14 -21.16
C GLY A 32 -39.24 10.40 -19.88
N LYS A 33 -39.80 9.20 -20.01
CA LYS A 33 -40.16 8.39 -18.86
C LYS A 33 -39.48 7.03 -18.95
N ALA A 34 -38.58 6.76 -18.00
CA ALA A 34 -37.85 5.50 -17.99
C ALA A 34 -38.10 4.70 -16.72
N SER A 35 -38.10 3.37 -16.86
CA SER A 35 -38.31 2.47 -15.75
C SER A 35 -37.01 2.26 -14.99
N LEU A 36 -37.11 1.76 -13.77
CA LEU A 36 -35.93 1.53 -12.94
C LEU A 36 -34.91 0.60 -13.60
N GLY A 37 -33.68 1.08 -13.71
CA GLY A 37 -32.61 0.30 -14.31
C GLY A 37 -32.52 0.40 -15.82
N GLU A 38 -33.51 1.03 -16.44
CA GLU A 38 -33.56 1.17 -17.89
C GLU A 38 -32.37 1.93 -18.48
N THR A 39 -31.97 1.54 -19.68
CA THR A 39 -30.88 2.18 -20.39
C THR A 39 -31.32 3.58 -20.84
N ILE A 40 -30.48 4.58 -20.58
CA ILE A 40 -30.79 5.95 -20.97
C ILE A 40 -29.55 6.64 -21.48
N ASP A 41 -29.74 7.81 -22.08
CA ASP A 41 -28.63 8.61 -22.59
C ASP A 41 -28.38 9.75 -21.62
N ILE A 42 -27.13 10.21 -21.55
CA ILE A 42 -26.80 11.32 -20.69
C ILE A 42 -26.26 12.40 -21.60
N VAL A 43 -26.80 13.62 -21.47
CA VAL A 43 -26.36 14.73 -22.31
C VAL A 43 -26.13 15.97 -21.47
N ASP A 44 -25.45 16.96 -22.05
CA ASP A 44 -25.19 18.21 -21.35
C ASP A 44 -26.39 19.14 -21.54
N HIS A 45 -26.30 20.36 -21.04
CA HIS A 45 -27.39 21.33 -21.16
C HIS A 45 -27.73 21.65 -22.61
N GLN A 46 -26.81 21.37 -23.53
CA GLN A 46 -27.05 21.66 -24.93
C GLN A 46 -27.54 20.44 -25.72
N GLY A 47 -27.67 19.31 -25.03
CA GLY A 47 -28.15 18.11 -25.68
C GLY A 47 -27.10 17.19 -26.27
N LYS A 48 -25.83 17.54 -26.10
CA LYS A 48 -24.75 16.71 -26.64
C LYS A 48 -24.60 15.41 -25.83
N TRP A 49 -24.53 14.29 -26.56
CA TRP A 49 -24.40 12.96 -25.95
C TRP A 49 -23.07 12.84 -25.21
N LEU A 50 -23.12 12.30 -24.00
CA LEU A 50 -21.92 12.11 -23.18
C LEU A 50 -21.68 10.65 -22.82
N ALA A 51 -22.76 9.90 -22.61
CA ALA A 51 -22.64 8.49 -22.26
C ALA A 51 -23.99 7.80 -22.24
N ARG A 52 -23.95 6.48 -22.16
CA ARG A 52 -25.14 5.65 -22.11
C ARG A 52 -25.09 4.93 -20.76
N GLY A 53 -26.12 5.11 -19.95
CA GLY A 53 -26.14 4.48 -18.65
C GLY A 53 -27.45 3.83 -18.26
N ALA A 54 -27.59 3.50 -16.99
CA ALA A 54 -28.80 2.87 -16.46
C ALA A 54 -29.44 3.83 -15.47
N TYR A 55 -30.76 3.99 -15.56
CA TYR A 55 -31.52 4.89 -14.70
C TYR A 55 -31.86 4.25 -13.35
N SER A 56 -31.63 4.99 -12.27
CA SER A 56 -31.93 4.52 -10.91
C SER A 56 -32.67 5.63 -10.16
N PRO A 57 -34.00 5.70 -10.34
CA PRO A 57 -34.85 6.72 -9.70
C PRO A 57 -34.87 6.75 -8.17
N ALA A 58 -34.64 5.60 -7.53
CA ALA A 58 -34.67 5.52 -6.08
C ALA A 58 -33.34 5.81 -5.39
N SER A 59 -32.28 5.95 -6.18
CA SER A 59 -30.95 6.18 -5.62
C SER A 59 -30.40 7.59 -5.75
N GLN A 60 -29.39 7.89 -4.93
CA GLN A 60 -28.71 9.18 -4.96
C GLN A 60 -27.89 9.15 -6.24
N ILE A 61 -27.44 7.96 -6.60
CA ILE A 61 -26.67 7.75 -7.83
C ILE A 61 -27.75 7.50 -8.87
N ARG A 62 -28.28 8.59 -9.42
CA ARG A 62 -29.35 8.53 -10.40
C ARG A 62 -29.07 7.73 -11.66
N ALA A 63 -27.80 7.59 -12.00
CA ALA A 63 -27.45 6.83 -13.20
C ALA A 63 -25.98 6.41 -13.14
N ARG A 64 -25.71 5.20 -13.64
CA ARG A 64 -24.35 4.68 -13.70
C ARG A 64 -24.04 4.46 -15.17
N VAL A 65 -22.85 4.84 -15.59
CA VAL A 65 -22.44 4.72 -16.97
C VAL A 65 -22.08 3.30 -17.40
N TRP A 66 -22.74 2.82 -18.45
CA TRP A 66 -22.46 1.50 -18.99
C TRP A 66 -21.32 1.70 -19.99
N THR A 67 -21.43 2.74 -20.80
CA THR A 67 -20.41 3.02 -21.80
C THR A 67 -20.35 4.48 -22.21
N PHE A 68 -19.18 4.87 -22.71
CA PHE A 68 -18.95 6.23 -23.21
C PHE A 68 -18.80 6.15 -24.74
N ASP A 69 -19.07 4.98 -25.30
CA ASP A 69 -18.97 4.75 -26.75
C ASP A 69 -20.34 4.94 -27.40
N PRO A 70 -20.51 6.01 -28.19
CA PRO A 70 -21.77 6.33 -28.86
C PRO A 70 -22.46 5.17 -29.59
N SER A 71 -21.67 4.32 -30.23
CA SER A 71 -22.22 3.19 -31.00
C SER A 71 -22.39 1.88 -30.25
N GLU A 72 -22.02 1.86 -28.98
CA GLU A 72 -22.12 0.64 -28.20
C GLU A 72 -23.48 0.45 -27.53
N SER A 73 -24.22 -0.55 -27.99
CA SER A 73 -25.53 -0.84 -27.40
C SER A 73 -25.30 -1.77 -26.21
N ILE A 74 -26.19 -1.72 -25.23
CA ILE A 74 -26.02 -2.60 -24.08
C ILE A 74 -26.92 -3.81 -24.26
N ASP A 75 -26.27 -4.91 -24.60
CA ASP A 75 -26.95 -6.18 -24.87
C ASP A 75 -26.04 -7.34 -24.47
N ILE A 76 -26.43 -8.54 -24.88
CA ILE A 76 -25.66 -9.74 -24.58
C ILE A 76 -24.20 -9.59 -24.98
N ALA A 77 -23.96 -9.02 -26.17
CA ALA A 77 -22.60 -8.84 -26.68
C ALA A 77 -21.78 -7.89 -25.81
N PHE A 78 -22.43 -6.87 -25.29
CA PHE A 78 -21.77 -5.87 -24.44
C PHE A 78 -21.19 -6.56 -23.21
N PHE A 79 -22.00 -7.37 -22.54
CA PHE A 79 -21.57 -8.08 -21.35
C PHE A 79 -20.55 -9.15 -21.68
N SER A 80 -20.71 -9.78 -22.84
CA SER A 80 -19.79 -10.81 -23.28
C SER A 80 -18.38 -10.22 -23.44
N ARG A 81 -18.28 -9.06 -24.09
CA ARG A 81 -17.00 -8.41 -24.29
C ARG A 81 -16.37 -7.97 -22.97
N ARG A 82 -17.20 -7.45 -22.07
CA ARG A 82 -16.72 -6.99 -20.77
C ARG A 82 -16.22 -8.17 -19.94
N LEU A 83 -16.95 -9.28 -19.97
CA LEU A 83 -16.56 -10.48 -19.24
C LEU A 83 -15.26 -11.05 -19.78
N GLN A 84 -15.10 -11.05 -21.09
CA GLN A 84 -13.88 -11.56 -21.71
C GLN A 84 -12.67 -10.70 -21.38
N GLN A 85 -12.86 -9.38 -21.39
CA GLN A 85 -11.76 -8.48 -21.08
C GLN A 85 -11.34 -8.66 -19.62
N ALA A 86 -12.31 -8.84 -18.74
CA ALA A 86 -12.02 -9.04 -17.31
C ALA A 86 -11.34 -10.40 -17.09
N GLN A 87 -11.82 -11.42 -17.80
CA GLN A 87 -11.27 -12.77 -17.68
C GLN A 87 -9.80 -12.81 -18.04
N LYS A 88 -9.39 -11.97 -18.98
CA LYS A 88 -7.99 -11.93 -19.40
C LYS A 88 -7.08 -11.65 -18.21
N TRP A 89 -7.46 -10.69 -17.37
CA TRP A 89 -6.67 -10.33 -16.20
C TRP A 89 -6.64 -11.44 -15.17
N ARG A 90 -7.80 -12.03 -14.88
CA ARG A 90 -7.89 -13.12 -13.89
C ARG A 90 -7.21 -14.40 -14.31
N ASP A 91 -7.09 -14.64 -15.61
CA ASP A 91 -6.38 -15.83 -16.07
C ASP A 91 -4.92 -15.68 -15.68
N TRP A 92 -4.39 -14.47 -15.85
CA TRP A 92 -3.00 -14.20 -15.49
C TRP A 92 -2.78 -14.30 -13.98
N LEU A 93 -3.70 -13.72 -13.21
CA LEU A 93 -3.61 -13.75 -11.75
C LEU A 93 -3.71 -15.15 -11.16
N ALA A 94 -4.65 -15.94 -11.68
CA ALA A 94 -4.86 -17.30 -11.19
C ALA A 94 -3.66 -18.18 -11.40
N GLN A 95 -3.05 -18.10 -12.57
CA GLN A 95 -1.88 -18.91 -12.86
C GLN A 95 -0.70 -18.42 -12.02
N LYS A 96 -0.59 -17.10 -11.87
CA LYS A 96 0.51 -16.52 -11.10
C LYS A 96 0.42 -16.75 -9.60
N ASP A 97 -0.79 -16.65 -9.04
CA ASP A 97 -0.94 -16.84 -7.60
C ASP A 97 -1.58 -18.17 -7.17
N GLY A 98 -1.69 -19.11 -8.10
CA GLY A 98 -2.26 -20.42 -7.79
C GLY A 98 -3.70 -20.37 -7.31
N LEU A 99 -4.56 -19.72 -8.08
CA LEU A 99 -5.97 -19.59 -7.71
C LEU A 99 -6.91 -20.34 -8.64
N ASP A 100 -7.97 -20.88 -8.07
CA ASP A 100 -9.00 -21.55 -8.86
C ASP A 100 -10.27 -20.76 -8.56
N SER A 101 -10.10 -19.68 -7.82
CA SER A 101 -11.21 -18.80 -7.42
C SER A 101 -10.71 -17.36 -7.35
N TYR A 102 -11.58 -16.41 -7.71
CA TYR A 102 -11.20 -15.00 -7.70
C TYR A 102 -12.41 -14.17 -8.08
N ARG A 103 -12.31 -12.85 -7.93
CA ARG A 103 -13.40 -11.97 -8.31
C ARG A 103 -13.20 -11.73 -9.79
N LEU A 104 -14.23 -12.03 -10.58
CA LEU A 104 -14.16 -11.86 -12.03
C LEU A 104 -14.51 -10.44 -12.44
N ILE A 105 -15.64 -9.94 -11.96
CA ILE A 105 -16.00 -8.59 -12.29
C ILE A 105 -16.24 -7.79 -11.00
N ALA A 106 -15.47 -6.71 -10.88
CA ALA A 106 -15.55 -5.84 -9.72
C ALA A 106 -16.29 -4.55 -10.08
N GLY A 107 -17.56 -4.70 -10.46
CA GLY A 107 -18.39 -3.55 -10.81
C GLY A 107 -17.77 -2.50 -11.72
N GLU A 108 -17.90 -1.24 -11.30
CA GLU A 108 -17.38 -0.09 -12.03
C GLU A 108 -15.95 -0.29 -12.56
N SER A 109 -15.09 -0.89 -11.77
CA SER A 109 -13.69 -1.09 -12.15
C SER A 109 -13.46 -2.03 -13.33
N ASP A 110 -14.49 -2.79 -13.71
CA ASP A 110 -14.40 -3.68 -14.86
C ASP A 110 -15.47 -3.26 -15.88
N GLY A 111 -15.79 -1.97 -15.87
CA GLY A 111 -16.79 -1.45 -16.80
C GLY A 111 -18.23 -1.93 -16.66
N LEU A 112 -18.57 -2.54 -15.53
CA LEU A 112 -19.95 -3.01 -15.29
C LEU A 112 -20.46 -2.51 -13.93
N PRO A 113 -20.75 -1.21 -13.83
CA PRO A 113 -21.24 -0.60 -12.58
C PRO A 113 -22.41 -1.38 -11.96
N GLY A 114 -22.31 -1.65 -10.67
CA GLY A 114 -23.36 -2.34 -9.97
C GLY A 114 -23.36 -3.86 -10.07
N ILE A 115 -22.44 -4.41 -10.84
CA ILE A 115 -22.36 -5.85 -11.00
C ILE A 115 -21.10 -6.45 -10.41
N THR A 116 -21.27 -7.46 -9.56
CA THR A 116 -20.11 -8.14 -9.00
C THR A 116 -20.28 -9.63 -9.25
N ILE A 117 -19.21 -10.27 -9.69
CA ILE A 117 -19.26 -11.70 -9.97
C ILE A 117 -18.02 -12.38 -9.44
N ASP A 118 -18.22 -13.36 -8.57
CA ASP A 118 -17.09 -14.11 -8.01
C ASP A 118 -17.10 -15.53 -8.53
N ARG A 119 -15.91 -16.05 -8.82
CA ARG A 119 -15.75 -17.40 -9.32
C ARG A 119 -15.13 -18.29 -8.25
N PHE A 120 -15.84 -19.35 -7.87
CA PHE A 120 -15.36 -20.31 -6.87
C PHE A 120 -15.39 -21.66 -7.55
N GLY A 121 -14.24 -22.11 -8.05
CA GLY A 121 -14.20 -23.38 -8.75
C GLY A 121 -15.08 -23.29 -9.99
N ASN A 122 -16.09 -24.13 -10.08
CA ASN A 122 -16.98 -24.08 -11.22
C ASN A 122 -18.27 -23.34 -10.95
N PHE A 123 -18.26 -22.48 -9.95
CA PHE A 123 -19.43 -21.71 -9.61
C PHE A 123 -19.19 -20.22 -9.85
N LEU A 124 -20.17 -19.56 -10.44
CA LEU A 124 -20.10 -18.13 -10.66
C LEU A 124 -21.17 -17.59 -9.71
N VAL A 125 -20.79 -16.67 -8.84
CA VAL A 125 -21.73 -16.10 -7.88
C VAL A 125 -21.99 -14.65 -8.21
N LEU A 126 -23.25 -14.33 -8.44
CA LEU A 126 -23.63 -12.98 -8.79
C LEU A 126 -24.07 -12.13 -7.62
N GLN A 127 -23.96 -10.82 -7.81
CA GLN A 127 -24.41 -9.84 -6.85
C GLN A 127 -24.79 -8.65 -7.71
N LEU A 128 -26.08 -8.48 -7.94
CA LEU A 128 -26.59 -7.38 -8.74
C LEU A 128 -27.06 -6.31 -7.75
N LEU A 129 -26.21 -5.32 -7.54
CA LEU A 129 -26.45 -4.26 -6.55
C LEU A 129 -27.18 -3.00 -6.98
N SER A 130 -27.09 -2.64 -8.26
CA SER A 130 -27.74 -1.42 -8.73
C SER A 130 -28.96 -1.66 -9.60
N ALA A 131 -29.71 -0.59 -9.84
CA ALA A 131 -30.91 -0.68 -10.66
C ALA A 131 -30.59 -1.33 -11.99
N GLY A 132 -29.54 -0.84 -12.64
CA GLY A 132 -29.13 -1.36 -13.93
C GLY A 132 -28.70 -2.82 -13.92
N ALA A 133 -27.98 -3.23 -12.87
CA ALA A 133 -27.52 -4.61 -12.76
C ALA A 133 -28.70 -5.58 -12.84
N GLU A 134 -29.73 -5.31 -12.04
CA GLU A 134 -30.91 -6.17 -12.02
C GLU A 134 -31.66 -6.14 -13.36
N TYR A 135 -31.85 -4.94 -13.89
CA TYR A 135 -32.55 -4.77 -15.17
C TYR A 135 -31.87 -5.55 -16.28
N GLN A 136 -30.54 -5.66 -16.23
CA GLN A 136 -29.79 -6.38 -17.26
C GLN A 136 -29.49 -7.83 -16.92
N ARG A 137 -30.15 -8.35 -15.87
CA ARG A 137 -29.94 -9.73 -15.43
C ARG A 137 -30.01 -10.81 -16.52
N ALA A 138 -31.05 -10.75 -17.35
CA ALA A 138 -31.21 -11.73 -18.42
C ALA A 138 -30.07 -11.69 -19.42
N ALA A 139 -29.71 -10.49 -19.85
CA ALA A 139 -28.63 -10.29 -20.81
C ALA A 139 -27.30 -10.77 -20.22
N LEU A 140 -27.04 -10.41 -18.97
CA LEU A 140 -25.81 -10.82 -18.30
C LEU A 140 -25.74 -12.35 -18.17
N ILE A 141 -26.86 -12.96 -17.80
CA ILE A 141 -26.91 -14.41 -17.64
C ILE A 141 -26.62 -15.15 -18.96
N SER A 142 -27.17 -14.62 -20.04
CA SER A 142 -26.97 -15.23 -21.36
C SER A 142 -25.48 -15.22 -21.73
N ALA A 143 -24.85 -14.07 -21.55
CA ALA A 143 -23.42 -13.97 -21.86
C ALA A 143 -22.64 -14.99 -21.05
N LEU A 144 -22.96 -15.08 -19.76
CA LEU A 144 -22.29 -16.01 -18.85
C LEU A 144 -22.43 -17.47 -19.26
N GLN A 145 -23.66 -17.89 -19.52
CA GLN A 145 -23.91 -19.28 -19.94
C GLN A 145 -23.19 -19.57 -21.26
N THR A 146 -23.00 -18.52 -22.06
CA THR A 146 -22.33 -18.66 -23.34
C THR A 146 -20.81 -18.80 -23.16
N LEU A 147 -20.23 -17.93 -22.34
CA LEU A 147 -18.79 -17.95 -22.08
C LEU A 147 -18.32 -19.03 -21.10
N TYR A 148 -19.20 -19.41 -20.17
CA TYR A 148 -18.87 -20.43 -19.17
C TYR A 148 -19.99 -21.47 -19.12
N PRO A 149 -20.20 -22.20 -20.23
CA PRO A 149 -21.23 -23.24 -20.36
C PRO A 149 -21.25 -24.36 -19.34
N GLU A 150 -20.10 -24.67 -18.75
CA GLU A 150 -20.03 -25.75 -17.78
C GLU A 150 -20.07 -25.32 -16.31
N CYS A 151 -20.17 -24.00 -16.08
CA CYS A 151 -20.23 -23.48 -14.72
C CYS A 151 -21.67 -23.32 -14.25
N SER A 152 -21.90 -23.50 -12.95
CA SER A 152 -23.23 -23.32 -12.40
C SER A 152 -23.27 -21.86 -11.97
N ILE A 153 -24.45 -21.26 -11.97
CA ILE A 153 -24.57 -19.87 -11.57
C ILE A 153 -25.46 -19.78 -10.36
N TYR A 154 -25.02 -19.01 -9.36
CA TYR A 154 -25.77 -18.82 -8.13
C TYR A 154 -25.86 -17.32 -7.86
N ASP A 155 -26.97 -16.89 -7.30
CA ASP A 155 -27.16 -15.47 -7.00
C ASP A 155 -27.12 -15.16 -5.51
N ARG A 156 -26.28 -14.20 -5.15
CA ARG A 156 -26.14 -13.75 -3.77
C ARG A 156 -26.34 -12.24 -3.74
N SER A 157 -27.51 -11.80 -4.19
CA SER A 157 -27.82 -10.38 -4.22
C SER A 157 -28.53 -9.95 -2.93
N ASP A 158 -28.20 -10.63 -1.84
CA ASP A 158 -28.78 -10.31 -0.53
C ASP A 158 -27.87 -9.28 0.12
N VAL A 159 -27.73 -8.13 -0.53
CA VAL A 159 -26.89 -7.06 -0.04
C VAL A 159 -27.76 -5.82 0.20
N ALA A 160 -27.62 -5.22 1.37
CA ALA A 160 -28.39 -4.05 1.77
C ALA A 160 -28.40 -2.93 0.73
N VAL A 161 -27.35 -2.88 -0.09
CA VAL A 161 -27.22 -1.86 -1.12
C VAL A 161 -28.44 -1.78 -2.04
N ARG A 162 -29.04 -2.92 -2.35
CA ARG A 162 -30.20 -2.98 -3.22
C ARG A 162 -31.37 -2.15 -2.73
N LYS A 163 -31.60 -2.14 -1.42
CA LYS A 163 -32.71 -1.38 -0.88
C LYS A 163 -32.50 0.09 -1.23
N LYS A 164 -31.26 0.55 -1.12
CA LYS A 164 -30.95 1.94 -1.42
C LYS A 164 -31.11 2.24 -2.92
N GLU A 165 -31.21 1.19 -3.74
CA GLU A 165 -31.41 1.36 -5.17
C GLU A 165 -32.88 1.10 -5.51
N GLY A 166 -33.71 0.95 -4.48
CA GLY A 166 -35.13 0.74 -4.67
C GLY A 166 -35.59 -0.67 -4.93
N GLU A 168 -35.59 -5.07 -3.59
CA GLU A 168 -35.59 -5.96 -2.43
C GLU A 168 -34.44 -6.95 -2.64
N LEU A 169 -33.96 -7.54 -1.55
CA LEU A 169 -32.86 -8.49 -1.65
C LEU A 169 -33.32 -9.83 -2.24
N THR A 170 -32.42 -10.50 -2.94
CA THR A 170 -32.76 -11.78 -3.56
C THR A 170 -31.52 -12.68 -3.63
N GLN A 171 -31.72 -13.98 -3.46
CA GLN A 171 -30.63 -14.93 -3.50
C GLN A 171 -31.16 -16.32 -3.83
N GLY A 172 -30.32 -17.15 -4.44
CA GLY A 172 -30.74 -18.49 -4.80
C GLY A 172 -30.08 -18.99 -6.08
N PRO A 173 -30.33 -20.25 -6.46
CA PRO A 173 -29.74 -20.79 -7.68
C PRO A 173 -30.20 -20.07 -8.95
N VAL A 174 -29.41 -20.20 -10.01
CA VAL A 174 -29.73 -19.59 -11.29
C VAL A 174 -29.71 -20.69 -12.34
N THR A 175 -28.59 -21.40 -12.43
CA THR A 175 -28.46 -22.50 -13.36
C THR A 175 -27.38 -23.46 -12.86
N GLY A 176 -27.36 -24.67 -13.41
CA GLY A 176 -26.38 -25.65 -13.00
C GLY A 176 -26.76 -26.29 -11.69
N GLU A 177 -25.79 -26.93 -11.03
CA GLU A 177 -26.06 -27.61 -9.78
C GLU A 177 -25.99 -26.65 -8.59
N LEU A 178 -26.55 -27.09 -7.48
CA LEU A 178 -26.55 -26.30 -6.26
C LEU A 178 -25.18 -26.43 -5.60
N PRO A 179 -24.62 -25.33 -5.08
CA PRO A 179 -23.32 -25.44 -4.45
C PRO A 179 -23.39 -26.29 -3.18
N PRO A 180 -22.34 -27.05 -2.87
CA PRO A 180 -22.31 -27.89 -1.68
C PRO A 180 -22.15 -27.05 -0.41
N ALA A 181 -22.43 -27.66 0.74
CA ALA A 181 -22.33 -26.95 2.02
C ALA A 181 -21.03 -26.19 2.11
N LEU A 182 -19.94 -26.87 1.76
CA LEU A 182 -18.62 -26.26 1.78
C LEU A 182 -17.91 -26.69 0.52
N LEU A 183 -17.34 -25.71 -0.18
CA LEU A 183 -16.61 -25.96 -1.40
C LEU A 183 -15.16 -25.55 -1.19
N PRO A 184 -14.21 -26.48 -1.38
CA PRO A 184 -12.80 -26.14 -1.20
C PRO A 184 -12.23 -25.37 -2.38
N ILE A 185 -11.55 -24.26 -2.08
CA ILE A 185 -10.96 -23.46 -3.14
C ILE A 185 -9.47 -23.32 -2.87
N GLU A 186 -8.71 -22.94 -3.90
CA GLU A 186 -7.28 -22.81 -3.76
C GLU A 186 -6.74 -21.41 -3.99
N GLU A 187 -5.76 -21.05 -3.17
CA GLU A 187 -5.07 -19.76 -3.27
C GLU A 187 -3.69 -19.92 -2.62
N HIS A 188 -2.66 -19.58 -3.39
CA HIS A 188 -1.29 -19.66 -2.92
C HIS A 188 -0.93 -20.99 -2.24
N GLY A 189 -1.26 -22.09 -2.90
CA GLY A 189 -0.94 -23.43 -2.40
C GLY A 189 -1.68 -23.82 -1.14
N LYS A 191 -5.62 -24.40 0.74
CA LYS A 191 -7.01 -24.75 0.47
C LYS A 191 -7.90 -24.16 1.55
N LEU A 192 -9.05 -23.63 1.15
CA LEU A 192 -10.00 -23.01 2.08
C LEU A 192 -11.42 -23.42 1.70
N LEU A 193 -12.28 -23.60 2.69
CA LEU A 193 -13.67 -24.00 2.47
C LEU A 193 -14.61 -22.81 2.42
N VAL A 194 -15.45 -22.76 1.39
CA VAL A 194 -16.40 -21.66 1.23
C VAL A 194 -17.87 -22.12 1.17
N ASP A 195 -18.75 -21.35 1.79
CA ASP A 195 -20.19 -21.63 1.80
C ASP A 195 -20.89 -20.60 0.95
N ILE A 196 -21.09 -20.93 -0.32
CA ILE A 196 -21.73 -20.02 -1.26
C ILE A 196 -23.15 -19.63 -0.89
N GLN A 197 -23.95 -20.62 -0.48
CA GLN A 197 -25.34 -20.35 -0.14
C GLN A 197 -25.59 -19.49 1.09
N HIS A 198 -24.85 -19.73 2.17
CA HIS A 198 -25.09 -18.99 3.40
C HIS A 198 -23.88 -18.28 4.02
N GLY A 199 -22.78 -18.22 3.29
CA GLY A 199 -21.60 -17.55 3.82
C GLY A 199 -21.63 -16.06 3.60
N HIS A 200 -20.70 -15.35 4.24
CA HIS A 200 -20.62 -13.90 4.10
C HIS A 200 -20.35 -13.53 2.64
N LYS A 201 -20.87 -12.37 2.23
CA LYS A 201 -20.68 -11.90 0.86
C LYS A 201 -21.20 -12.91 -0.16
N THR A 202 -20.29 -13.38 -1.00
CA THR A 202 -20.59 -14.34 -2.04
C THR A 202 -20.26 -15.74 -1.53
N GLY A 203 -19.71 -15.80 -0.33
CA GLY A 203 -19.33 -17.07 0.26
C GLY A 203 -17.96 -17.04 0.90
N TYR A 204 -17.17 -16.02 0.57
CA TYR A 204 -15.83 -15.89 1.12
C TYR A 204 -15.29 -14.48 0.89
N TYR A 205 -14.19 -14.15 1.55
CA TYR A 205 -13.57 -12.83 1.37
C TYR A 205 -12.33 -12.99 0.49
N LEU A 206 -12.55 -13.04 -0.82
CA LEU A 206 -11.45 -13.17 -1.74
C LEU A 206 -10.53 -11.95 -1.66
N ASP A 207 -11.11 -10.81 -1.30
CA ASP A 207 -10.34 -9.57 -1.22
C ASP A 207 -9.19 -9.55 -0.23
N GLN A 208 -9.25 -10.42 0.79
CA GLN A 208 -8.18 -10.48 1.79
C GLN A 208 -7.02 -11.41 1.42
N ARG A 209 -7.04 -11.95 0.21
CA ARG A 209 -5.99 -12.87 -0.23
C ARG A 209 -4.57 -12.42 0.12
N ASP A 210 -4.23 -11.18 -0.21
CA ASP A 210 -2.89 -10.68 0.09
C ASP A 210 -2.63 -10.44 1.57
N SER A 211 -3.70 -10.20 2.33
CA SER A 211 -3.57 -9.98 3.77
C SER A 211 -3.20 -11.32 4.40
N ARG A 212 -3.82 -12.40 3.91
CA ARG A 212 -3.55 -13.73 4.41
C ARG A 212 -2.11 -14.11 4.08
N LEU A 213 -1.68 -13.79 2.87
CA LEU A 213 -0.33 -14.09 2.42
C LEU A 213 0.71 -13.42 3.32
N ALA A 214 0.51 -12.13 3.57
CA ALA A 214 1.42 -11.36 4.42
C ALA A 214 1.47 -11.93 5.84
N THR A 215 0.36 -12.50 6.31
CA THR A 215 0.34 -13.07 7.65
C THR A 215 1.42 -14.15 7.74
N ARG A 216 1.61 -14.90 6.65
CA ARG A 216 2.62 -15.96 6.63
C ARG A 216 4.04 -15.47 6.86
N ARG A 217 4.35 -14.27 6.35
CA ARG A 217 5.68 -13.73 6.46
C ARG A 217 6.13 -13.45 7.89
N TYR A 218 5.20 -13.02 8.73
CA TYR A 218 5.51 -12.63 10.10
C TYR A 218 5.43 -13.68 11.21
N VAL A 219 4.85 -14.84 10.94
CA VAL A 219 4.64 -15.82 12.00
C VAL A 219 5.57 -16.98 12.29
N GLU A 220 6.66 -17.15 11.55
CA GLU A 220 7.51 -18.30 11.84
C GLU A 220 8.01 -18.31 13.28
N ASN A 221 7.69 -19.40 13.97
CA ASN A 221 8.07 -19.62 15.36
C ASN A 221 7.51 -18.61 16.34
N LYS A 222 6.34 -18.04 16.01
CA LYS A 222 5.73 -17.06 16.89
C LYS A 222 4.30 -17.40 17.30
N ARG A 223 3.92 -16.89 18.48
CA ARG A 223 2.57 -17.12 19.03
C ARG A 223 1.63 -16.09 18.44
N VAL A 224 0.59 -16.58 17.76
CA VAL A 224 -0.35 -15.71 17.07
C VAL A 224 -1.76 -15.70 17.65
N LEU A 225 -2.37 -14.51 17.64
CA LEU A 225 -3.74 -14.33 18.09
C LEU A 225 -4.54 -13.84 16.87
N ASN A 226 -5.57 -14.58 16.52
CA ASN A 226 -6.41 -14.25 15.38
C ASN A 226 -7.80 -13.85 15.89
N CYS A 227 -8.04 -12.53 15.95
CA CYS A 227 -9.32 -11.99 16.41
C CYS A 227 -10.33 -11.97 15.27
N PHE A 228 -11.53 -12.51 15.53
CA PHE A 228 -12.58 -12.58 14.53
C PHE A 228 -12.11 -13.51 13.43
N SER A 229 -11.85 -14.75 13.81
CA SER A 229 -11.36 -15.76 12.89
C SER A 229 -12.37 -16.15 11.82
N TYR A 230 -13.64 -16.16 12.16
CA TYR A 230 -14.66 -16.56 11.21
C TYR A 230 -14.34 -18.00 10.78
N THR A 231 -14.66 -18.36 9.54
CA THR A 231 -14.41 -19.72 9.03
C THR A 231 -12.93 -19.98 8.76
N GLY A 232 -12.07 -19.19 9.40
CA GLY A 232 -10.66 -19.39 9.19
C GLY A 232 -10.18 -18.62 7.98
N GLY A 233 -8.92 -18.85 7.62
CA GLY A 233 -8.29 -18.17 6.51
C GLY A 233 -6.97 -17.67 7.07
N PHE A 234 -7.06 -16.90 8.15
CA PHE A 234 -5.87 -16.36 8.79
C PHE A 234 -5.20 -17.41 9.66
N ALA A 235 -6.01 -18.29 10.27
CA ALA A 235 -5.47 -19.34 11.13
C ALA A 235 -4.66 -20.33 10.30
N VAL A 236 -5.16 -20.68 9.11
CA VAL A 236 -4.45 -21.60 8.23
C VAL A 236 -3.19 -20.92 7.73
N SER A 237 -3.30 -19.65 7.35
CA SER A 237 -2.16 -18.89 6.86
C SER A 237 -1.05 -18.82 7.91
N ALA A 238 -1.44 -18.62 9.17
CA ALA A 238 -0.46 -18.57 10.24
C ALA A 238 0.27 -19.90 10.33
N LEU A 239 -0.47 -21.01 10.24
CA LEU A 239 0.12 -22.33 10.32
C LEU A 239 0.99 -22.61 9.09
N GLY A 241 2.66 -20.50 7.66
CA GLY A 241 3.86 -19.72 7.89
C GLY A 241 4.78 -20.29 8.96
N GLY A 242 4.34 -21.39 9.58
CA GLY A 242 5.16 -22.02 10.61
C GLY A 242 5.08 -21.39 11.99
N CYS A 243 3.92 -20.83 12.35
CA CYS A 243 3.76 -20.22 13.66
C CYS A 243 3.92 -21.30 14.73
N SER A 244 4.36 -20.92 15.94
CA SER A 244 4.53 -21.90 17.01
C SER A 244 3.16 -22.22 17.60
N GLN A 245 2.25 -21.25 17.51
CA GLN A 245 0.88 -21.43 18.00
C GLN A 245 -0.03 -20.34 17.46
N VAL A 246 -1.27 -20.70 17.17
CA VAL A 246 -2.25 -19.73 16.69
C VAL A 246 -3.56 -19.96 17.41
N VAL A 247 -4.03 -18.91 18.08
CA VAL A 247 -5.27 -18.93 18.83
C VAL A 247 -6.31 -18.11 18.05
N SER A 248 -7.42 -18.74 17.69
CA SER A 248 -8.48 -18.09 16.95
C SER A 248 -9.71 -17.88 17.83
N VAL A 249 -10.22 -16.65 17.84
CA VAL A 249 -11.38 -16.32 18.66
C VAL A 249 -12.56 -15.83 17.82
N ASP A 250 -13.74 -16.32 18.16
CA ASP A 250 -14.96 -15.93 17.46
C ASP A 250 -16.15 -16.37 18.31
N THR A 251 -17.28 -15.70 18.15
CA THR A 251 -18.48 -16.05 18.91
C THR A 251 -19.24 -17.18 18.24
N SER A 252 -19.02 -17.35 16.94
CA SER A 252 -19.69 -18.38 16.16
C SER A 252 -18.96 -19.73 16.22
N GLN A 253 -19.66 -20.74 16.73
CA GLN A 253 -19.06 -22.07 16.82
C GLN A 253 -18.95 -22.67 15.41
N GLU A 254 -19.87 -22.27 14.54
CA GLU A 254 -19.90 -22.74 13.17
C GLU A 254 -18.62 -22.31 12.46
N ALA A 255 -18.31 -21.01 12.53
CA ALA A 255 -17.12 -20.47 11.89
C ALA A 255 -15.88 -21.18 12.42
N LEU A 256 -15.82 -21.37 13.73
CA LEU A 256 -14.67 -22.03 14.35
C LEU A 256 -14.53 -23.48 13.89
N ASP A 257 -15.65 -24.15 13.61
CA ASP A 257 -15.60 -25.52 13.16
C ASP A 257 -15.00 -25.60 11.76
N ILE A 258 -15.32 -24.61 10.92
CA ILE A 258 -14.81 -24.58 9.56
C ILE A 258 -13.34 -24.18 9.57
N ALA A 259 -12.96 -23.32 10.52
CA ALA A 259 -11.56 -22.90 10.63
C ALA A 259 -10.72 -24.13 10.86
N ARG A 260 -11.14 -24.95 11.83
CA ARG A 260 -10.42 -26.18 12.16
C ARG A 260 -10.45 -27.18 11.01
N GLN A 261 -11.52 -27.16 10.23
CA GLN A 261 -11.64 -28.05 9.08
C GLN A 261 -10.63 -27.63 8.02
N ASN A 262 -10.44 -26.32 7.88
CA ASN A 262 -9.48 -25.79 6.91
C ASN A 262 -8.08 -26.24 7.30
N VAL A 263 -7.82 -26.28 8.60
CA VAL A 263 -6.51 -26.70 9.09
C VAL A 263 -6.25 -28.15 8.74
N GLU A 264 -7.25 -29.00 8.94
CA GLU A 264 -7.12 -30.43 8.65
C GLU A 264 -7.06 -30.65 7.15
N LEU A 265 -7.84 -29.88 6.40
CA LEU A 265 -7.88 -29.99 4.95
C LEU A 265 -6.47 -29.74 4.37
N ASN A 266 -5.73 -28.84 5.00
CA ASN A 266 -4.38 -28.52 4.55
C ASN A 266 -3.30 -29.40 5.18
N LYS A 267 -3.72 -30.37 5.98
CA LYS A 267 -2.79 -31.29 6.65
C LYS A 267 -1.79 -30.58 7.53
N LEU A 268 -2.24 -29.53 8.21
CA LEU A 268 -1.38 -28.75 9.10
C LEU A 268 -1.44 -29.30 10.52
N ASP A 269 -0.47 -28.91 11.34
CA ASP A 269 -0.38 -29.38 12.73
C ASP A 269 -1.49 -28.80 13.62
N LEU A 270 -2.52 -29.60 13.87
CA LEU A 270 -3.64 -29.17 14.71
C LEU A 270 -3.19 -28.89 16.14
N SER A 271 -2.13 -29.56 16.58
CA SER A 271 -1.61 -29.36 17.93
C SER A 271 -1.13 -27.94 18.19
N LYS A 272 -1.00 -27.14 17.14
CA LYS A 272 -0.55 -25.76 17.30
C LYS A 272 -1.70 -24.77 17.10
N ALA A 273 -2.91 -25.28 16.89
CA ALA A 273 -4.06 -24.43 16.67
C ALA A 273 -5.08 -24.52 17.80
N GLU A 274 -5.50 -23.36 18.30
CA GLU A 274 -6.49 -23.29 19.36
C GLU A 274 -7.68 -22.49 18.88
N PHE A 275 -8.87 -22.96 19.18
CA PHE A 275 -10.09 -22.27 18.78
C PHE A 275 -10.91 -21.97 20.03
N VAL A 276 -11.09 -20.70 20.31
CA VAL A 276 -11.83 -20.27 21.49
C VAL A 276 -13.14 -19.59 21.10
N ARG A 277 -14.26 -20.16 21.52
CA ARG A 277 -15.55 -19.55 21.23
C ARG A 277 -15.85 -18.61 22.38
N ASP A 278 -15.87 -17.32 22.10
CA ASP A 278 -16.14 -16.33 23.13
C ASP A 278 -16.23 -14.95 22.50
N ASP A 279 -16.63 -13.97 23.29
CA ASP A 279 -16.73 -12.61 22.84
C ASP A 279 -15.29 -12.14 22.68
N VAL A 280 -14.94 -11.67 21.48
CA VAL A 280 -13.58 -11.20 21.21
C VAL A 280 -13.12 -10.10 22.17
N PHE A 281 -13.96 -9.08 22.36
CA PHE A 281 -13.64 -7.97 23.26
C PHE A 281 -13.35 -8.49 24.66
N LYS A 282 -14.22 -9.37 25.15
CA LYS A 282 -14.08 -9.94 26.49
C LYS A 282 -12.79 -10.74 26.65
N LEU A 283 -12.55 -11.66 25.72
CA LEU A 283 -11.36 -12.48 25.79
C LEU A 283 -10.11 -11.60 25.75
N LEU A 284 -10.18 -10.52 24.98
CA LEU A 284 -9.06 -9.59 24.87
C LEU A 284 -8.75 -8.91 26.20
N ARG A 285 -9.79 -8.46 26.89
CA ARG A 285 -9.61 -7.81 28.17
C ARG A 285 -9.19 -8.82 29.22
N THR A 286 -9.59 -10.06 29.02
CA THR A 286 -9.23 -11.13 29.93
C THR A 286 -7.74 -11.38 29.80
N TYR A 287 -7.26 -11.46 28.57
CA TYR A 287 -5.83 -11.67 28.32
C TYR A 287 -5.06 -10.47 28.83
N ARG A 288 -5.55 -9.26 28.53
CA ARG A 288 -4.90 -8.03 28.98
C ARG A 288 -4.78 -8.00 30.49
N ASP A 289 -5.90 -8.27 31.16
CA ASP A 289 -5.95 -8.26 32.62
C ASP A 289 -4.93 -9.19 33.28
N ARG A 290 -4.67 -10.33 32.66
CA ARG A 290 -3.71 -11.28 33.24
C ARG A 290 -2.33 -11.24 32.61
N GLY A 291 -2.09 -10.24 31.78
CA GLY A 291 -0.79 -10.09 31.15
C GLY A 291 -0.42 -11.05 30.03
N GLU A 292 -1.41 -11.62 29.35
CA GLU A 292 -1.12 -12.52 28.23
C GLU A 292 -0.41 -11.72 27.15
N LYS A 293 0.56 -12.35 26.47
CA LYS A 293 1.30 -11.69 25.41
C LYS A 293 1.40 -12.57 24.17
N PHE A 294 1.32 -11.94 23.00
CA PHE A 294 1.44 -12.64 21.73
C PHE A 294 2.50 -11.92 20.90
N ASP A 295 3.01 -12.59 19.87
CA ASP A 295 4.04 -12.02 18.99
C ASP A 295 3.41 -11.34 17.78
N VAL A 296 2.30 -11.90 17.31
CA VAL A 296 1.58 -11.37 16.16
C VAL A 296 0.09 -11.48 16.42
N ILE A 297 -0.63 -10.42 16.08
CA ILE A 297 -2.08 -10.38 16.25
C ILE A 297 -2.73 -9.93 14.96
N VAL A 298 -3.74 -10.68 14.53
CA VAL A 298 -4.48 -10.36 13.31
C VAL A 298 -5.81 -9.81 13.79
N ASP A 300 -9.18 -8.31 12.18
CA ASP A 300 -10.04 -7.98 11.05
C ASP A 300 -11.50 -8.02 11.52
N PRO A 301 -11.95 -6.95 12.20
CA PRO A 301 -13.31 -6.79 12.73
C PRO A 301 -14.41 -6.97 11.69
N PRO A 302 -15.59 -7.36 12.16
CA PRO A 302 -16.72 -7.58 11.27
C PRO A 302 -17.15 -6.40 10.41
N LYS A 303 -18.45 -6.10 10.43
CA LYS A 303 -18.97 -5.01 9.62
C LYS A 303 -18.99 -3.66 10.30
N PHE A 304 -17.82 -3.03 10.42
CA PHE A 304 -17.74 -1.72 11.04
C PHE A 304 -18.12 -1.65 12.51
N VAL A 305 -19.04 -2.51 12.92
CA VAL A 305 -19.47 -2.52 14.32
C VAL A 305 -20.32 -1.30 14.64
N GLU A 306 -19.96 -0.17 14.04
CA GLU A 306 -20.70 1.06 14.26
C GLU A 306 -21.10 1.66 12.92
N ASN A 307 -21.39 0.80 11.96
CA ASN A 307 -21.78 1.24 10.63
C ASN A 307 -23.02 2.12 10.64
N LYS A 308 -24.17 1.52 10.41
CA LYS A 308 -25.42 2.27 10.39
C LYS A 308 -25.32 3.50 9.50
N SER A 309 -24.54 3.37 8.43
CA SER A 309 -24.35 4.47 7.50
C SER A 309 -22.88 4.84 7.45
N GLN A 310 -22.45 5.43 6.34
CA GLN A 310 -21.05 5.81 6.21
C GLN A 310 -20.63 6.80 7.27
N LEU A 311 -21.54 7.74 7.59
CA LEU A 311 -21.24 8.76 8.57
C LEU A 311 -21.62 8.44 10.01
N GLY A 313 -20.55 6.34 11.60
CA GLY A 313 -19.35 5.77 12.20
C GLY A 313 -18.93 6.52 13.45
N ALA A 314 -17.91 7.36 13.32
CA ALA A 314 -17.42 8.13 14.45
C ALA A 314 -17.32 7.31 15.73
N CYS A 315 -17.20 6.00 15.57
CA CYS A 315 -17.10 5.09 16.71
C CYS A 315 -15.67 4.65 16.95
N ARG A 316 -15.23 4.78 18.20
CA ARG A 316 -13.88 4.41 18.58
C ARG A 316 -13.79 2.95 19.00
N GLY A 317 -14.55 2.10 18.31
CA GLY A 317 -14.51 0.68 18.60
C GLY A 317 -13.22 0.16 18.01
N TYR A 318 -12.84 0.73 16.86
CA TYR A 318 -11.59 0.35 16.20
C TYR A 318 -10.46 0.80 17.11
N LYS A 319 -10.60 1.99 17.66
CA LYS A 319 -9.59 2.54 18.55
C LYS A 319 -9.42 1.66 19.79
N ASP A 320 -10.54 1.35 20.46
CA ASP A 320 -10.49 0.52 21.65
C ASP A 320 -9.96 -0.87 21.36
N ILE A 321 -10.45 -1.47 20.28
CA ILE A 321 -10.04 -2.81 19.91
C ILE A 321 -8.55 -2.88 19.55
N ASN A 322 -8.05 -1.88 18.82
CA ASN A 322 -6.64 -1.87 18.45
C ASN A 322 -5.74 -1.55 19.63
N LEU A 324 -6.33 -2.52 22.75
CA LEU A 324 -6.23 -3.80 23.47
C LEU A 324 -5.18 -4.68 22.80
N ALA A 325 -5.20 -4.71 21.46
CA ALA A 325 -4.26 -5.51 20.71
C ALA A 325 -2.83 -5.08 21.02
N ILE A 326 -2.57 -3.78 20.90
CA ILE A 326 -1.24 -3.26 21.18
C ILE A 326 -0.79 -3.62 22.60
N GLN A 327 -1.73 -3.62 23.55
CA GLN A 327 -1.39 -3.96 24.93
C GLN A 327 -1.08 -5.44 25.08
N LEU A 328 -1.46 -6.23 24.07
CA LEU A 328 -1.20 -7.66 24.11
C LEU A 328 0.11 -8.04 23.40
N LEU A 329 0.81 -7.06 22.86
CA LEU A 329 2.07 -7.32 22.17
C LEU A 329 3.29 -6.92 22.99
N ASN A 330 4.42 -7.55 22.71
CA ASN A 330 5.69 -7.23 23.38
C ASN A 330 6.45 -6.37 22.38
N GLU A 331 7.67 -5.98 22.73
CA GLU A 331 8.49 -5.20 21.81
C GLU A 331 8.78 -6.10 20.62
N GLY A 332 8.57 -5.57 19.41
CA GLY A 332 8.82 -6.36 18.21
C GLY A 332 7.55 -7.07 17.77
N GLY A 333 6.52 -7.04 18.61
CA GLY A 333 5.27 -7.67 18.28
C GLY A 333 4.69 -7.00 17.06
N ILE A 334 3.94 -7.75 16.27
CA ILE A 334 3.35 -7.19 15.07
C ILE A 334 1.84 -7.28 15.05
N LEU A 335 1.22 -6.18 14.65
CA LEU A 335 -0.22 -6.10 14.56
C LEU A 335 -0.60 -5.95 13.09
N LEU A 336 -1.45 -6.85 12.62
CA LEU A 336 -1.96 -6.80 11.26
C LEU A 336 -3.42 -6.43 11.52
N THR A 337 -3.76 -5.18 11.25
CA THR A 337 -5.11 -4.70 11.52
C THR A 337 -5.79 -4.13 10.27
N PHE A 338 -7.09 -4.37 10.16
CA PHE A 338 -7.83 -3.94 8.97
C PHE A 338 -9.17 -3.23 9.17
N SER A 339 -9.63 -2.62 8.09
CA SER A 339 -10.90 -1.92 8.05
C SER A 339 -11.42 -1.94 6.60
N CYS A 340 -12.71 -2.23 6.44
CA CYS A 340 -13.31 -2.27 5.11
C CYS A 340 -14.47 -1.28 5.00
N SER A 341 -14.84 -0.70 6.14
CA SER A 341 -15.93 0.25 6.20
C SER A 341 -15.65 1.53 5.43
N GLY A 342 -16.65 2.00 4.68
CA GLY A 342 -16.49 3.23 3.93
C GLY A 342 -16.66 4.36 4.93
N LEU A 343 -16.53 3.99 6.19
CA LEU A 343 -16.66 4.90 7.31
C LEU A 343 -15.35 5.62 7.58
N THR A 345 -11.18 6.66 5.53
CA THR A 345 -10.15 6.52 4.52
C THR A 345 -8.93 5.86 5.15
N SER A 346 -7.91 5.61 4.34
CA SER A 346 -6.67 5.01 4.82
C SER A 346 -6.05 5.92 5.88
N ASP A 347 -6.05 7.22 5.60
CA ASP A 347 -5.47 8.19 6.52
C ASP A 347 -6.19 8.27 7.87
N LEU A 348 -7.52 8.13 7.84
CA LEU A 348 -8.30 8.18 9.06
C LEU A 348 -8.00 6.95 9.92
N PHE A 349 -7.92 5.79 9.26
CA PHE A 349 -7.62 4.56 9.96
C PHE A 349 -6.23 4.68 10.59
N GLN A 350 -5.29 5.30 9.87
CA GLN A 350 -3.94 5.47 10.39
C GLN A 350 -3.98 6.32 11.65
N LYS A 351 -4.80 7.38 11.62
CA LYS A 351 -4.94 8.28 12.76
C LYS A 351 -5.41 7.52 13.99
N ILE A 352 -6.41 6.66 13.80
CA ILE A 352 -6.96 5.88 14.90
C ILE A 352 -5.90 4.97 15.53
N ILE A 353 -5.16 4.26 14.70
CA ILE A 353 -4.12 3.36 15.22
C ILE A 353 -3.08 4.18 15.99
N ALA A 354 -2.74 5.35 15.47
CA ALA A 354 -1.77 6.22 16.12
C ALA A 354 -2.30 6.66 17.47
N ASP A 355 -3.59 6.96 17.53
CA ASP A 355 -4.23 7.36 18.78
C ASP A 355 -4.29 6.17 19.73
N ALA A 356 -4.60 5.00 19.20
CA ALA A 356 -4.68 3.80 20.02
C ALA A 356 -3.31 3.59 20.65
N ALA A 357 -2.26 3.79 19.84
CA ALA A 357 -0.89 3.62 20.30
C ALA A 357 -0.58 4.53 21.48
N ILE A 358 -0.95 5.80 21.41
CA ILE A 358 -0.66 6.71 22.50
C ILE A 358 -1.40 6.33 23.78
N ASP A 359 -2.66 5.94 23.66
CA ASP A 359 -3.44 5.55 24.83
C ASP A 359 -2.90 4.26 25.43
N ALA A 360 -2.32 3.41 24.58
CA ALA A 360 -1.77 2.15 25.03
C ALA A 360 -0.45 2.39 25.77
N GLY A 361 0.15 3.54 25.51
CA GLY A 361 1.41 3.88 26.14
C GLY A 361 2.60 3.24 25.45
N ARG A 362 2.51 3.14 24.13
CA ARG A 362 3.59 2.54 23.35
C ARG A 362 3.62 3.13 21.94
N ASP A 363 4.78 3.12 21.33
CA ASP A 363 4.90 3.63 19.98
C ASP A 363 4.82 2.45 19.02
N VAL A 364 4.32 2.71 17.81
CA VAL A 364 4.22 1.68 16.82
C VAL A 364 4.74 2.21 15.49
N GLN A 365 5.36 1.32 14.72
CA GLN A 365 5.90 1.69 13.42
C GLN A 365 5.05 1.06 12.32
N PHE A 366 4.67 1.84 11.33
CA PHE A 366 3.93 1.31 10.20
C PHE A 366 5.02 0.81 9.25
N ILE A 367 5.03 -0.49 8.98
CA ILE A 367 6.04 -1.07 8.10
C ILE A 367 5.46 -1.64 6.81
N GLU A 368 4.15 -1.71 6.73
CA GLU A 368 3.51 -2.24 5.54
C GLU A 368 2.05 -1.79 5.50
N GLN A 369 1.54 -1.61 4.29
CA GLN A 369 0.16 -1.17 4.09
C GLN A 369 -0.53 -2.18 3.16
N PHE A 370 -1.73 -2.60 3.54
CA PHE A 370 -2.48 -3.57 2.76
C PHE A 370 -3.67 -2.97 2.01
N ARG A 371 -4.14 -3.69 1.00
CA ARG A 371 -5.29 -3.26 0.22
C ARG A 371 -5.93 -4.49 -0.42
N GLN A 372 -7.16 -4.33 -0.89
CA GLN A 372 -7.88 -5.43 -1.54
C GLN A 372 -7.00 -6.05 -2.63
N ALA A 373 -7.12 -7.36 -2.80
CA ALA A 373 -6.34 -8.08 -3.80
C ALA A 373 -6.52 -7.54 -5.22
N ALA A 374 -5.56 -7.88 -6.09
CA ALA A 374 -5.53 -7.45 -7.49
C ALA A 374 -6.75 -7.83 -8.34
N ASP A 375 -7.52 -8.82 -7.91
CA ASP A 375 -8.71 -9.20 -8.66
C ASP A 375 -9.86 -8.27 -8.26
N HIS A 376 -9.56 -7.33 -7.38
CA HIS A 376 -10.52 -6.31 -6.94
C HIS A 376 -9.87 -4.97 -7.33
N PRO A 377 -9.61 -4.77 -8.64
CA PRO A 377 -8.97 -3.55 -9.14
C PRO A 377 -9.81 -2.29 -8.95
N VAL A 378 -9.15 -1.14 -9.03
CA VAL A 378 -9.85 0.13 -8.91
C VAL A 378 -9.54 0.98 -10.13
N ILE A 379 -10.53 1.14 -11.00
CA ILE A 379 -10.35 1.91 -12.22
C ILE A 379 -10.04 3.35 -11.83
N ALA A 380 -9.05 3.94 -12.49
CA ALA A 380 -8.60 5.31 -12.18
C ALA A 380 -9.69 6.37 -12.17
N THR A 381 -10.81 6.07 -12.81
CA THR A 381 -11.94 7.01 -12.89
C THR A 381 -12.86 6.87 -11.69
N TYR A 382 -12.59 5.87 -10.86
CA TYR A 382 -13.44 5.58 -9.71
C TYR A 382 -12.65 5.31 -8.42
N PRO A 383 -12.01 6.36 -7.87
CA PRO A 383 -11.22 6.23 -6.65
C PRO A 383 -12.00 5.66 -5.44
N GLU A 384 -13.30 5.88 -5.41
CA GLU A 384 -14.12 5.39 -4.31
C GLU A 384 -14.10 3.86 -4.29
N GLY A 385 -13.60 3.26 -5.36
CA GLY A 385 -13.55 1.82 -5.46
C GLY A 385 -12.65 1.13 -4.46
N LEU A 386 -11.71 1.87 -3.88
CA LEU A 386 -10.79 1.33 -2.89
C LEU A 386 -11.46 1.33 -1.52
N TYR A 387 -11.87 0.16 -1.04
CA TYR A 387 -12.57 0.08 0.23
C TYR A 387 -11.84 -0.66 1.37
N LEU A 388 -10.95 -1.58 1.02
CA LEU A 388 -10.23 -2.34 2.03
C LEU A 388 -8.95 -1.64 2.45
N LYS A 389 -8.83 -1.37 3.75
CA LYS A 389 -7.65 -0.71 4.31
C LYS A 389 -7.00 -1.63 5.35
N GLY A 390 -5.68 -1.52 5.48
CA GLY A 390 -5.00 -2.36 6.44
C GLY A 390 -3.55 -1.95 6.66
N PHE A 391 -3.02 -2.29 7.83
CA PHE A 391 -1.64 -1.96 8.16
C PHE A 391 -0.97 -3.04 8.98
N ALA A 392 0.35 -3.12 8.83
CA ALA A 392 1.17 -4.04 9.61
C ALA A 392 1.89 -3.05 10.52
N CYS A 393 1.70 -3.17 11.82
CA CYS A 393 2.32 -2.26 12.78
C CYS A 393 3.25 -2.97 13.74
N ARG A 394 4.45 -2.43 13.89
CA ARG A 394 5.44 -3.03 14.79
C ARG A 394 5.57 -2.23 16.09
N VAL A 395 5.46 -2.94 17.21
CA VAL A 395 5.56 -2.31 18.53
C VAL A 395 7.02 -2.05 18.88
N SER B 2 20.34 21.90 30.67
CA SER B 2 20.60 23.30 31.09
C SER B 2 19.57 24.26 30.50
N VAL B 3 19.70 24.56 29.22
CA VAL B 3 18.79 25.47 28.54
C VAL B 3 17.41 24.85 28.27
N ARG B 4 16.38 25.70 28.34
CA ARG B 4 15.01 25.25 28.14
C ARG B 4 14.31 26.02 27.02
N LEU B 5 13.44 25.32 26.30
CA LEU B 5 12.66 25.93 25.25
C LEU B 5 11.23 25.94 25.78
N VAL B 6 10.66 27.14 25.94
CA VAL B 6 9.31 27.26 26.46
C VAL B 6 8.28 27.41 25.33
N LEU B 7 7.30 26.52 25.29
CA LEU B 7 6.28 26.55 24.26
C LEU B 7 5.19 27.57 24.57
N ALA B 8 4.62 28.16 23.53
CA ALA B 8 3.53 29.12 23.69
C ALA B 8 2.32 28.36 24.21
N LYS B 9 1.48 29.04 24.99
CA LYS B 9 0.30 28.40 25.55
C LYS B 9 -0.50 27.69 24.46
N GLY B 10 -0.86 26.43 24.74
CA GLY B 10 -1.63 25.64 23.81
C GLY B 10 -0.80 24.89 22.77
N ARG B 11 0.32 25.48 22.38
CA ARG B 11 1.19 24.90 21.37
C ARG B 11 1.94 23.64 21.77
N GLU B 12 1.51 22.99 22.85
CA GLU B 12 2.19 21.77 23.29
C GLU B 12 1.46 20.50 22.85
N LYS B 13 0.33 20.68 22.16
CA LYS B 13 -0.47 19.56 21.69
C LYS B 13 0.33 18.56 20.86
N SER B 14 1.22 19.04 20.01
CA SER B 14 2.03 18.16 19.18
C SER B 14 2.88 17.24 20.06
N LEU B 15 3.50 17.80 21.10
CA LEU B 15 4.33 17.01 22.01
C LEU B 15 3.53 15.93 22.70
N LEU B 16 2.32 16.27 23.11
CA LEU B 16 1.46 15.31 23.78
C LEU B 16 1.13 14.16 22.81
N ARG B 17 1.17 14.45 21.51
CA ARG B 17 0.94 13.44 20.47
C ARG B 17 2.26 12.75 20.16
N ARG B 18 3.30 13.16 20.88
CA ARG B 18 4.65 12.62 20.74
C ARG B 18 5.29 12.89 19.38
N HIS B 19 4.88 13.97 18.73
CA HIS B 19 5.45 14.34 17.44
C HIS B 19 6.89 14.78 17.75
N PRO B 20 7.86 14.30 16.97
CA PRO B 20 9.27 14.63 17.17
C PRO B 20 9.75 16.04 16.83
N TRP B 21 8.92 16.84 16.19
CA TRP B 21 9.32 18.20 15.80
C TRP B 21 8.63 19.34 16.54
N VAL B 22 9.39 20.40 16.79
CA VAL B 22 8.86 21.59 17.43
C VAL B 22 9.17 22.74 16.49
N PHE B 23 8.14 23.33 15.90
CA PHE B 23 8.35 24.43 14.97
C PHE B 23 8.68 25.73 15.70
N SER B 24 9.48 26.56 15.04
CA SER B 24 9.90 27.85 15.59
C SER B 24 8.69 28.66 16.04
N GLY B 25 7.62 28.59 15.26
CA GLY B 25 6.42 29.33 15.56
C GLY B 25 5.71 28.95 16.85
N ALA B 26 5.99 27.76 17.38
CA ALA B 26 5.35 27.32 18.61
C ALA B 26 6.15 27.69 19.85
N VAL B 27 7.36 28.19 19.64
CA VAL B 27 8.23 28.57 20.76
C VAL B 27 7.91 29.98 21.25
N ALA B 28 7.69 30.11 22.56
CA ALA B 28 7.41 31.41 23.14
C ALA B 28 8.74 32.08 23.47
N ARG B 29 9.63 31.34 24.10
CA ARG B 29 10.94 31.87 24.47
C ARG B 29 11.94 30.78 24.83
N GLU B 31 14.99 29.85 27.49
CA GLU B 31 15.56 30.27 28.76
C GLU B 31 16.98 29.73 28.82
N GLY B 32 17.92 30.62 28.57
CA GLY B 32 19.32 30.27 28.54
C GLY B 32 19.77 30.27 27.08
N LYS B 33 21.07 30.17 26.85
CA LYS B 33 21.57 30.15 25.49
C LYS B 33 22.21 28.80 25.23
N ALA B 34 21.81 28.17 24.14
CA ALA B 34 22.33 26.86 23.78
C ALA B 34 23.02 26.94 22.43
N SER B 35 23.95 26.02 22.18
CA SER B 35 24.66 25.97 20.92
C SER B 35 23.86 25.20 19.89
N LEU B 36 24.29 25.25 18.64
CA LEU B 36 23.60 24.55 17.58
C LEU B 36 23.67 23.04 17.86
N GLY B 37 22.50 22.41 17.92
CA GLY B 37 22.44 20.98 18.15
C GLY B 37 22.51 20.55 19.60
N GLU B 38 22.70 21.51 20.51
CA GLU B 38 22.80 21.22 21.94
C GLU B 38 21.54 20.63 22.55
N THR B 39 21.72 19.76 23.52
CA THR B 39 20.60 19.11 24.20
C THR B 39 19.86 20.10 25.10
N ILE B 40 18.55 20.20 24.90
CA ILE B 40 17.74 21.13 25.69
C ILE B 40 16.46 20.47 26.16
N ASP B 41 15.84 21.06 27.17
CA ASP B 41 14.59 20.55 27.67
C ASP B 41 13.50 21.39 27.04
N ILE B 42 12.35 20.78 26.76
CA ILE B 42 11.25 21.51 26.19
C ILE B 42 10.12 21.41 27.20
N VAL B 43 9.59 22.57 27.60
CA VAL B 43 8.52 22.63 28.60
C VAL B 43 7.34 23.43 28.10
N ASP B 44 6.17 23.27 28.72
CA ASP B 44 4.99 24.02 28.29
C ASP B 44 5.02 25.45 28.85
N HIS B 45 4.01 26.26 28.53
CA HIS B 45 4.00 27.64 28.97
C HIS B 45 4.08 27.81 30.49
N GLN B 46 3.77 26.75 31.23
CA GLN B 46 3.83 26.82 32.69
C GLN B 46 5.15 26.29 33.23
N GLY B 47 5.96 25.72 32.35
CA GLY B 47 7.25 25.19 32.78
C GLY B 47 7.31 23.70 33.03
N LYS B 48 6.20 22.99 32.78
CA LYS B 48 6.18 21.55 32.96
C LYS B 48 6.98 20.86 31.86
N TRP B 49 7.87 19.96 32.26
CA TRP B 49 8.71 19.24 31.31
C TRP B 49 7.88 18.40 30.34
N LEU B 50 8.23 18.46 29.06
CA LEU B 50 7.53 17.73 28.01
C LEU B 50 8.45 16.75 27.29
N ALA B 51 9.70 17.14 27.08
CA ALA B 51 10.64 16.29 26.39
C ALA B 51 12.06 16.84 26.41
N ARG B 52 12.99 16.04 25.93
CA ARG B 52 14.39 16.41 25.87
C ARG B 52 14.78 16.31 24.39
N GLY B 53 15.27 17.39 23.81
CA GLY B 53 15.63 17.35 22.40
C GLY B 53 16.89 18.09 22.04
N ALA B 54 17.06 18.31 20.74
CA ALA B 54 18.23 19.01 20.20
C ALA B 54 17.80 20.37 19.65
N TYR B 55 18.48 21.41 20.07
CA TYR B 55 18.17 22.77 19.64
C TYR B 55 18.74 23.08 18.25
N SER B 56 17.91 23.64 17.38
CA SER B 56 18.33 23.98 16.03
C SER B 56 17.93 25.43 15.73
N PRO B 57 18.77 26.40 16.16
CA PRO B 57 18.55 27.84 15.98
C PRO B 57 18.43 28.35 14.55
N ALA B 58 19.07 27.66 13.61
CA ALA B 58 19.03 28.09 12.21
C ALA B 58 17.89 27.45 11.43
N SER B 59 17.14 26.57 12.06
CA SER B 59 16.05 25.89 11.37
C SER B 59 14.65 26.26 11.86
N GLN B 60 13.65 26.05 11.01
CA GLN B 60 12.26 26.32 11.36
C GLN B 60 11.79 25.20 12.27
N ILE B 61 12.50 24.08 12.22
CA ILE B 61 12.22 22.93 13.08
C ILE B 61 13.19 23.23 14.22
N ARG B 62 12.80 24.19 15.05
CA ARG B 62 13.62 24.68 16.16
C ARG B 62 14.16 23.64 17.12
N ALA B 63 13.52 22.49 17.20
CA ALA B 63 14.00 21.42 18.07
C ALA B 63 13.42 20.08 17.63
N ARG B 64 14.18 19.01 17.83
CA ARG B 64 13.72 17.67 17.51
C ARG B 64 13.84 16.86 18.80
N VAL B 65 12.81 16.06 19.09
CA VAL B 65 12.78 15.27 20.31
C VAL B 65 13.65 14.03 20.31
N TRP B 66 14.58 13.95 21.27
CA TRP B 66 15.45 12.78 21.40
C TRP B 66 14.70 11.73 22.23
N THR B 67 14.06 12.19 23.30
CA THR B 67 13.34 11.29 24.20
C THR B 67 12.22 11.97 24.98
N PHE B 68 11.22 11.18 25.37
CA PHE B 68 10.10 11.69 26.15
C PHE B 68 10.22 11.14 27.58
N ASP B 69 11.34 10.44 27.85
CA ASP B 69 11.61 9.88 29.19
C ASP B 69 12.40 10.92 29.96
N PRO B 70 11.81 11.49 31.04
CA PRO B 70 12.42 12.51 31.89
C PRO B 70 13.79 12.14 32.46
N SER B 71 14.00 10.87 32.74
CA SER B 71 15.26 10.39 33.32
C SER B 71 16.33 9.98 32.32
N GLU B 72 16.02 10.03 31.03
CA GLU B 72 16.97 9.61 30.02
C GLU B 72 17.88 10.70 29.49
N SER B 73 19.18 10.57 29.75
CA SER B 73 20.17 11.53 29.28
C SER B 73 20.56 11.18 27.85
N ILE B 74 20.96 12.16 27.05
CA ILE B 74 21.37 11.83 25.71
C ILE B 74 22.90 11.77 25.69
N ASP B 75 23.39 10.53 25.68
CA ASP B 75 24.81 10.24 25.71
C ASP B 75 25.10 8.98 24.90
N ILE B 76 26.32 8.46 25.02
CA ILE B 76 26.70 7.26 24.29
C ILE B 76 25.70 6.12 24.53
N ALA B 77 25.39 5.86 25.79
CA ALA B 77 24.45 4.79 26.15
C ALA B 77 23.11 4.95 25.44
N PHE B 78 22.63 6.19 25.35
CA PHE B 78 21.35 6.49 24.69
C PHE B 78 21.40 5.99 23.25
N PHE B 79 22.45 6.36 22.53
CA PHE B 79 22.59 5.95 21.14
C PHE B 79 22.77 4.44 21.02
N SER B 80 23.51 3.85 21.96
CA SER B 80 23.72 2.40 21.93
C SER B 80 22.37 1.68 22.04
N ARG B 81 21.54 2.09 22.99
CA ARG B 81 20.22 1.46 23.17
C ARG B 81 19.33 1.61 21.93
N ARG B 82 19.35 2.79 21.33
CA ARG B 82 18.55 3.04 20.14
C ARG B 82 19.03 2.19 18.98
N LEU B 83 20.36 2.05 18.85
CA LEU B 83 20.92 1.24 17.78
C LEU B 83 20.54 -0.22 17.97
N GLN B 84 20.62 -0.69 19.22
CA GLN B 84 20.29 -2.07 19.51
C GLN B 84 18.82 -2.37 19.23
N GLN B 85 17.93 -1.43 19.57
CA GLN B 85 16.51 -1.63 19.31
C GLN B 85 16.25 -1.72 17.81
N ALA B 86 16.89 -0.83 17.05
CA ALA B 86 16.73 -0.81 15.61
C ALA B 86 17.31 -2.09 14.97
N GLN B 87 18.46 -2.53 15.48
CA GLN B 87 19.13 -3.73 14.97
C GLN B 87 18.26 -4.97 15.12
N LYS B 88 17.55 -5.08 16.24
CA LYS B 88 16.67 -6.22 16.47
C LYS B 88 15.72 -6.41 15.28
N TRP B 89 15.14 -5.30 14.81
CA TRP B 89 14.22 -5.35 13.68
C TRP B 89 14.93 -5.76 12.39
N ARG B 90 16.08 -5.13 12.12
CA ARG B 90 16.83 -5.43 10.89
C ARG B 90 17.42 -6.83 10.85
N ASP B 91 17.66 -7.42 12.03
CA ASP B 91 18.17 -8.79 12.09
C ASP B 91 17.09 -9.71 11.53
N TRP B 92 15.85 -9.45 11.92
CA TRP B 92 14.72 -10.26 11.46
C TRP B 92 14.52 -10.08 9.95
N LEU B 93 14.56 -8.83 9.49
CA LEU B 93 14.40 -8.55 8.07
C LEU B 93 15.50 -9.19 7.23
N ALA B 94 16.74 -9.09 7.69
CA ALA B 94 17.88 -9.65 6.97
C ALA B 94 17.74 -11.15 6.75
N GLN B 95 17.35 -11.86 7.80
CA GLN B 95 17.18 -13.31 7.73
C GLN B 95 16.00 -13.65 6.82
N LYS B 96 14.89 -12.94 6.99
CA LYS B 96 13.69 -13.20 6.21
C LYS B 96 13.84 -12.89 4.72
N ASP B 97 14.41 -11.74 4.40
CA ASP B 97 14.55 -11.34 3.00
C ASP B 97 15.93 -11.61 2.39
N GLY B 98 16.77 -12.36 3.10
CA GLY B 98 18.10 -12.66 2.61
C GLY B 98 18.90 -11.40 2.32
N LEU B 99 19.00 -10.54 3.33
CA LEU B 99 19.70 -9.28 3.16
C LEU B 99 21.08 -9.24 3.79
N ASP B 100 21.96 -8.53 3.10
CA ASP B 100 23.34 -8.34 3.52
C ASP B 100 23.49 -6.83 3.78
N SER B 101 22.43 -6.09 3.43
CA SER B 101 22.42 -4.63 3.58
C SER B 101 21.00 -4.15 3.85
N TYR B 102 20.89 -3.01 4.52
CA TYR B 102 19.58 -2.44 4.87
C TYR B 102 19.76 -1.09 5.55
N ARG B 103 18.67 -0.35 5.69
CA ARG B 103 18.73 0.92 6.40
C ARG B 103 18.60 0.52 7.87
N LEU B 104 19.60 0.88 8.68
CA LEU B 104 19.58 0.54 10.10
C LEU B 104 18.75 1.53 10.90
N ILE B 105 19.01 2.82 10.74
CA ILE B 105 18.20 3.80 11.44
C ILE B 105 17.60 4.79 10.46
N ALA B 106 16.28 4.93 10.54
CA ALA B 106 15.52 5.81 9.68
C ALA B 106 15.04 7.03 10.45
N GLY B 107 15.99 7.82 10.94
CA GLY B 107 15.68 9.03 11.68
C GLY B 107 14.62 8.93 12.76
N GLU B 108 13.67 9.87 12.69
CA GLU B 108 12.57 9.96 13.63
C GLU B 108 11.84 8.63 13.89
N SER B 109 11.71 7.80 12.87
CA SER B 109 11.00 6.54 13.03
C SER B 109 11.73 5.46 13.84
N ASP B 110 13.00 5.69 14.12
CA ASP B 110 13.75 4.75 14.97
C ASP B 110 14.17 5.50 16.23
N GLY B 111 13.51 6.64 16.46
CA GLY B 111 13.78 7.45 17.65
C GLY B 111 15.06 8.25 17.65
N LEU B 112 15.59 8.53 16.46
CA LEU B 112 16.82 9.31 16.33
C LEU B 112 16.65 10.33 15.22
N PRO B 113 15.82 11.35 15.45
CA PRO B 113 15.55 12.41 14.46
C PRO B 113 16.83 13.00 13.86
N GLY B 114 16.84 13.15 12.54
CA GLY B 114 17.99 13.73 11.87
C GLY B 114 19.11 12.77 11.56
N ILE B 115 19.03 11.55 12.05
CA ILE B 115 20.07 10.56 11.81
C ILE B 115 19.61 9.43 10.90
N THR B 116 20.36 9.16 9.84
CA THR B 116 20.03 8.03 9.00
C THR B 116 21.30 7.19 8.87
N ILE B 117 21.16 5.89 8.95
CA ILE B 117 22.32 5.01 8.84
C ILE B 117 21.93 3.81 7.98
N ASP B 118 22.72 3.57 6.94
CA ASP B 118 22.50 2.44 6.05
C ASP B 118 23.67 1.48 6.17
N ARG B 119 23.35 0.20 6.25
CA ARG B 119 24.35 -0.85 6.33
C ARG B 119 24.52 -1.44 4.94
N PHE B 120 25.76 -1.48 4.45
CA PHE B 120 26.09 -2.05 3.15
C PHE B 120 27.26 -3.00 3.42
N GLY B 121 26.98 -4.29 3.54
CA GLY B 121 28.04 -5.25 3.82
C GLY B 121 28.70 -4.89 5.15
N ASN B 122 30.00 -4.65 5.13
CA ASN B 122 30.72 -4.28 6.35
C ASN B 122 30.90 -2.77 6.50
N PHE B 123 30.06 -1.99 5.83
CA PHE B 123 30.14 -0.53 5.92
C PHE B 123 28.87 0.05 6.53
N LEU B 124 29.06 1.07 7.37
CA LEU B 124 27.95 1.78 7.99
C LEU B 124 28.09 3.17 7.38
N VAL B 125 27.05 3.63 6.70
CA VAL B 125 27.06 4.93 6.05
C VAL B 125 26.11 5.87 6.78
N LEU B 126 26.66 6.99 7.22
CA LEU B 126 25.92 7.98 7.97
C LEU B 126 25.45 9.17 7.15
N GLN B 127 24.35 9.76 7.61
CA GLN B 127 23.82 10.98 7.02
C GLN B 127 23.28 11.70 8.24
N LEU B 128 24.04 12.68 8.74
CA LEU B 128 23.64 13.46 9.90
C LEU B 128 23.02 14.72 9.32
N LEU B 129 21.70 14.73 9.28
CA LEU B 129 20.98 15.84 8.65
C LEU B 129 20.42 16.96 9.52
N SER B 130 20.33 16.75 10.82
CA SER B 130 19.81 17.81 11.69
C SER B 130 20.93 18.32 12.58
N ALA B 131 20.70 19.47 13.21
CA ALA B 131 21.69 20.07 14.10
C ALA B 131 22.05 19.10 15.22
N GLY B 132 21.03 18.45 15.77
CA GLY B 132 21.27 17.50 16.84
C GLY B 132 22.14 16.33 16.40
N ALA B 133 21.93 15.88 15.18
CA ALA B 133 22.70 14.75 14.63
C ALA B 133 24.19 15.08 14.59
N GLU B 134 24.51 16.25 14.06
CA GLU B 134 25.91 16.67 13.96
C GLU B 134 26.52 16.89 15.35
N TYR B 135 25.77 17.54 16.22
CA TYR B 135 26.23 17.82 17.58
C TYR B 135 26.61 16.54 18.31
N GLN B 136 25.80 15.50 18.13
CA GLN B 136 26.04 14.21 18.78
C GLN B 136 26.90 13.24 17.97
N ARG B 137 27.56 13.75 16.92
CA ARG B 137 28.41 12.91 16.08
C ARG B 137 29.37 12.01 16.86
N ALA B 138 30.12 12.60 17.79
CA ALA B 138 31.08 11.85 18.60
C ALA B 138 30.45 10.72 19.39
N ALA B 139 29.35 11.01 20.09
CA ALA B 139 28.66 10.00 20.88
C ALA B 139 28.11 8.88 20.00
N LEU B 140 27.53 9.26 18.87
CA LEU B 140 26.99 8.28 17.93
C LEU B 140 28.10 7.35 17.46
N ILE B 141 29.22 7.93 17.04
CA ILE B 141 30.34 7.14 16.55
C ILE B 141 30.85 6.17 17.60
N SER B 142 30.96 6.64 18.84
CA SER B 142 31.44 5.78 19.93
C SER B 142 30.53 4.57 20.09
N ALA B 143 29.22 4.82 20.06
CA ALA B 143 28.26 3.74 20.19
C ALA B 143 28.42 2.77 19.03
N LEU B 144 28.51 3.31 17.82
CA LEU B 144 28.67 2.46 16.63
C LEU B 144 29.93 1.60 16.68
N GLN B 145 31.05 2.19 17.12
CA GLN B 145 32.30 1.44 17.20
C GLN B 145 32.22 0.30 18.21
N THR B 146 31.49 0.51 19.29
CA THR B 146 31.32 -0.50 20.32
C THR B 146 30.45 -1.66 19.85
N LEU B 147 29.35 -1.31 19.19
CA LEU B 147 28.39 -2.33 18.70
C LEU B 147 28.80 -3.01 17.40
N TYR B 148 29.53 -2.30 16.54
CA TYR B 148 29.94 -2.84 15.24
C TYR B 148 31.44 -2.62 15.03
N PRO B 149 32.26 -3.17 15.93
CA PRO B 149 33.73 -3.04 15.88
C PRO B 149 34.42 -3.37 14.56
N GLU B 150 33.89 -4.34 13.83
CA GLU B 150 34.48 -4.75 12.55
C GLU B 150 34.03 -3.94 11.34
N CYS B 151 33.01 -3.10 11.52
CA CYS B 151 32.49 -2.31 10.40
C CYS B 151 33.22 -0.99 10.17
N SER B 152 33.24 -0.56 8.91
CA SER B 152 33.84 0.71 8.57
C SER B 152 32.70 1.71 8.58
N ILE B 153 33.01 2.96 8.94
CA ILE B 153 31.98 3.98 8.97
C ILE B 153 32.34 5.05 7.95
N TYR B 154 31.37 5.37 7.10
CA TYR B 154 31.57 6.38 6.07
C TYR B 154 30.47 7.43 6.21
N ASP B 155 30.80 8.67 5.93
CA ASP B 155 29.85 9.78 6.05
C ASP B 155 29.34 10.31 4.72
N ARG B 156 28.03 10.26 4.51
CA ARG B 156 27.44 10.78 3.28
C ARG B 156 26.45 11.88 3.65
N SER B 157 26.93 12.85 4.42
CA SER B 157 26.09 13.96 4.86
C SER B 157 26.11 15.10 3.85
N ASP B 158 26.29 14.75 2.58
CA ASP B 158 26.33 15.71 1.50
C ASP B 158 24.92 15.87 0.95
N VAL B 159 24.00 16.26 1.83
CA VAL B 159 22.60 16.44 1.48
C VAL B 159 22.19 17.89 1.70
N ALA B 160 21.57 18.48 0.69
CA ALA B 160 21.14 19.87 0.75
C ALA B 160 20.33 20.24 1.98
N VAL B 161 19.62 19.27 2.57
CA VAL B 161 18.82 19.56 3.75
C VAL B 161 19.63 20.12 4.91
N ARG B 162 20.93 19.82 4.94
CA ARG B 162 21.77 20.32 6.02
C ARG B 162 21.82 21.84 6.03
N LYS B 163 21.60 22.47 4.87
CA LYS B 163 21.60 23.92 4.78
C LYS B 163 20.39 24.47 5.55
N LYS B 164 19.29 23.72 5.54
CA LYS B 164 18.10 24.12 6.27
C LYS B 164 18.40 24.13 7.77
N GLU B 165 19.42 23.38 8.17
CA GLU B 165 19.80 23.31 9.58
C GLU B 165 20.98 24.22 9.89
N GLY B 166 21.42 25.01 8.91
CA GLY B 166 22.52 25.94 9.12
C GLY B 166 23.90 25.32 9.17
N GLU B 168 27.25 23.19 6.95
CA GLU B 168 27.90 22.95 5.66
C GLU B 168 27.65 21.47 5.33
N LEU B 169 27.76 21.11 4.05
CA LEU B 169 27.61 19.72 3.67
C LEU B 169 28.95 19.06 3.95
N THR B 170 28.94 17.75 4.24
CA THR B 170 30.18 17.06 4.53
C THR B 170 30.07 15.58 4.20
N GLN B 171 31.20 14.95 3.86
CA GLN B 171 31.21 13.53 3.51
C GLN B 171 32.64 13.03 3.57
N GLY B 172 32.81 11.72 3.64
CA GLY B 172 34.15 11.15 3.69
C GLY B 172 34.29 10.03 4.70
N PRO B 173 35.46 9.37 4.76
CA PRO B 173 35.66 8.28 5.69
C PRO B 173 35.61 8.75 7.15
N VAL B 174 35.11 7.87 8.02
CA VAL B 174 35.01 8.17 9.44
C VAL B 174 35.92 7.23 10.20
N THR B 175 35.92 5.97 9.79
CA THR B 175 36.76 4.96 10.43
C THR B 175 36.87 3.72 9.53
N GLY B 176 37.85 2.88 9.81
CA GLY B 176 38.02 1.67 9.03
C GLY B 176 38.55 1.88 7.63
N GLU B 177 38.24 0.95 6.74
CA GLU B 177 38.70 1.03 5.36
C GLU B 177 37.82 1.90 4.48
N LEU B 178 38.37 2.35 3.37
CA LEU B 178 37.62 3.18 2.42
C LEU B 178 36.83 2.21 1.55
N PRO B 179 35.57 2.55 1.22
CA PRO B 179 34.78 1.64 0.39
C PRO B 179 35.31 1.53 -1.04
N PRO B 180 35.06 0.39 -1.71
CA PRO B 180 35.52 0.20 -3.08
C PRO B 180 34.61 1.03 -3.98
N ALA B 181 34.99 1.24 -5.23
CA ALA B 181 34.16 2.00 -6.15
C ALA B 181 32.79 1.34 -6.23
N LEU B 182 32.80 0.02 -6.34
CA LEU B 182 31.57 -0.76 -6.41
C LEU B 182 31.63 -1.92 -5.42
N LEU B 183 30.63 -2.00 -4.55
CA LEU B 183 30.54 -3.04 -3.53
C LEU B 183 29.29 -3.88 -3.78
N PRO B 184 29.43 -5.21 -3.87
CA PRO B 184 28.25 -6.04 -4.09
C PRO B 184 27.48 -6.29 -2.81
N ILE B 185 26.16 -6.10 -2.86
CA ILE B 185 25.29 -6.33 -1.71
C ILE B 185 24.26 -7.35 -2.17
N GLU B 186 23.52 -7.92 -1.24
CA GLU B 186 22.52 -8.91 -1.58
C GLU B 186 21.11 -8.65 -1.06
N GLU B 187 20.13 -8.96 -1.91
CA GLU B 187 18.72 -8.85 -1.55
C GLU B 187 17.90 -9.85 -2.34
N HIS B 188 17.18 -10.70 -1.61
CA HIS B 188 16.32 -11.70 -2.23
C HIS B 188 17.04 -12.55 -3.27
N GLY B 189 18.20 -13.08 -2.89
CA GLY B 189 18.97 -13.92 -3.79
C GLY B 189 19.51 -13.23 -5.02
N LYS B 191 22.21 -10.09 -6.50
CA LYS B 191 23.35 -9.24 -6.12
C LYS B 191 23.31 -7.92 -6.87
N LEU B 192 23.68 -6.84 -6.20
CA LEU B 192 23.69 -5.52 -6.80
C LEU B 192 24.92 -4.72 -6.35
N LEU B 193 25.52 -3.98 -7.27
CA LEU B 193 26.69 -3.18 -6.97
C LEU B 193 26.35 -1.75 -6.56
N VAL B 194 26.91 -1.29 -5.45
CA VAL B 194 26.64 0.06 -4.98
C VAL B 194 27.94 0.87 -4.85
N ASP B 195 27.84 2.17 -5.09
CA ASP B 195 28.97 3.10 -4.98
C ASP B 195 28.75 3.99 -3.77
N ILE B 196 29.32 3.60 -2.63
CA ILE B 196 29.16 4.37 -1.39
C ILE B 196 29.68 5.81 -1.45
N GLN B 197 30.89 6.00 -1.96
CA GLN B 197 31.48 7.33 -2.02
C GLN B 197 30.75 8.31 -2.96
N HIS B 198 30.31 7.83 -4.11
CA HIS B 198 29.68 8.72 -5.07
C HIS B 198 28.27 8.39 -5.55
N GLY B 199 27.72 7.26 -5.13
CA GLY B 199 26.38 6.90 -5.55
C GLY B 199 25.31 7.83 -5.00
N HIS B 200 24.08 7.67 -5.44
CA HIS B 200 22.98 8.50 -4.96
C HIS B 200 22.72 8.18 -3.49
N LYS B 201 22.26 9.18 -2.74
CA LYS B 201 21.95 9.05 -1.33
C LYS B 201 23.15 8.53 -0.52
N THR B 202 23.02 7.33 0.03
CA THR B 202 24.09 6.72 0.82
C THR B 202 24.89 5.74 -0.02
N GLY B 203 24.50 5.60 -1.27
CA GLY B 203 25.19 4.67 -2.16
C GLY B 203 24.20 3.92 -3.04
N TYR B 204 22.98 3.71 -2.52
CA TYR B 204 21.95 3.01 -3.29
C TYR B 204 20.57 3.29 -2.71
N TYR B 205 19.54 2.81 -3.42
CA TYR B 205 18.15 2.99 -2.99
C TYR B 205 17.60 1.71 -2.37
N LEU B 206 17.87 1.52 -1.08
CA LEU B 206 17.39 0.34 -0.38
C LEU B 206 15.86 0.38 -0.25
N ASP B 207 15.30 1.58 -0.23
CA ASP B 207 13.85 1.75 -0.10
C ASP B 207 12.99 1.12 -1.19
N GLN B 208 13.57 0.92 -2.36
CA GLN B 208 12.83 0.32 -3.48
C GLN B 208 12.90 -1.21 -3.52
N ARG B 209 13.42 -1.81 -2.45
CA ARG B 209 13.58 -3.26 -2.37
C ARG B 209 12.33 -4.06 -2.76
N ASP B 210 11.19 -3.71 -2.19
CA ASP B 210 9.97 -4.45 -2.48
C ASP B 210 9.39 -4.15 -3.86
N SER B 211 9.68 -2.97 -4.39
CA SER B 211 9.18 -2.62 -5.71
C SER B 211 9.96 -3.46 -6.72
N ARG B 212 11.26 -3.63 -6.45
CA ARG B 212 12.10 -4.44 -7.31
C ARG B 212 11.62 -5.89 -7.26
N LEU B 213 11.35 -6.39 -6.05
CA LEU B 213 10.91 -7.76 -5.92
C LEU B 213 9.58 -7.95 -6.64
N ALA B 214 8.67 -6.99 -6.48
CA ALA B 214 7.37 -7.07 -7.11
C ALA B 214 7.48 -7.09 -8.65
N THR B 215 8.54 -6.49 -9.16
CA THR B 215 8.75 -6.46 -10.60
C THR B 215 8.90 -7.89 -11.14
N ARG B 216 9.56 -8.75 -10.36
CA ARG B 216 9.76 -10.14 -10.76
C ARG B 216 8.47 -10.87 -11.10
N ARG B 217 7.43 -10.65 -10.29
CA ARG B 217 6.16 -11.31 -10.49
C ARG B 217 5.43 -10.93 -11.79
N TYR B 218 5.59 -9.68 -12.22
CA TYR B 218 4.90 -9.20 -13.41
C TYR B 218 5.55 -9.44 -14.76
N VAL B 219 6.84 -9.73 -14.79
CA VAL B 219 7.54 -9.82 -16.06
C VAL B 219 7.77 -11.14 -16.80
N GLU B 220 7.25 -12.26 -16.31
CA GLU B 220 7.50 -13.52 -17.00
C GLU B 220 7.20 -13.52 -18.49
N ASN B 221 8.22 -13.82 -19.29
CA ASN B 221 8.11 -13.86 -20.75
C ASN B 221 7.56 -12.58 -21.35
N LYS B 222 7.77 -11.45 -20.67
CA LYS B 222 7.30 -10.16 -21.18
C LYS B 222 8.43 -9.22 -21.57
N ARG B 223 8.09 -8.26 -22.43
CA ARG B 223 9.04 -7.24 -22.88
C ARG B 223 8.94 -6.08 -21.88
N VAL B 224 10.05 -5.74 -21.26
CA VAL B 224 10.10 -4.69 -20.24
C VAL B 224 10.88 -3.43 -20.62
N LEU B 225 10.35 -2.27 -20.23
CA LEU B 225 11.05 -1.01 -20.45
C LEU B 225 11.27 -0.38 -19.07
N ASN B 226 12.52 -0.13 -18.72
CA ASN B 226 12.86 0.46 -17.43
C ASN B 226 13.43 1.87 -17.63
N CYS B 227 12.61 2.88 -17.30
CA CYS B 227 13.01 4.29 -17.46
C CYS B 227 13.70 4.85 -16.22
N PHE B 228 14.76 5.64 -16.45
CA PHE B 228 15.55 6.22 -15.36
C PHE B 228 16.02 5.02 -14.55
N SER B 229 16.65 4.08 -15.25
CA SER B 229 17.13 2.83 -14.67
C SER B 229 18.24 2.94 -13.65
N TYR B 230 18.93 4.06 -13.64
CA TYR B 230 20.06 4.24 -12.74
C TYR B 230 20.97 3.03 -12.96
N THR B 231 21.44 2.40 -11.88
CA THR B 231 22.33 1.26 -12.00
C THR B 231 21.68 -0.10 -12.28
N GLY B 232 20.45 -0.06 -12.79
CA GLY B 232 19.74 -1.28 -13.18
C GLY B 232 19.18 -2.24 -12.14
N GLY B 233 18.77 -1.75 -10.98
CA GLY B 233 18.19 -2.64 -9.98
C GLY B 233 16.95 -3.31 -10.52
N PHE B 234 16.10 -2.54 -11.18
CA PHE B 234 14.86 -3.07 -11.75
C PHE B 234 15.11 -3.97 -12.97
N ALA B 235 16.17 -3.70 -13.72
CA ALA B 235 16.50 -4.52 -14.89
C ALA B 235 16.86 -5.93 -14.45
N VAL B 236 17.76 -6.04 -13.47
CA VAL B 236 18.18 -7.33 -12.96
C VAL B 236 16.95 -8.06 -12.44
N SER B 237 16.12 -7.34 -11.69
CA SER B 237 14.89 -7.91 -11.15
C SER B 237 14.01 -8.45 -12.28
N ALA B 238 13.90 -7.72 -13.40
CA ALA B 238 13.10 -8.18 -14.53
C ALA B 238 13.67 -9.48 -15.10
N LEU B 239 14.99 -9.55 -15.23
CA LEU B 239 15.63 -10.75 -15.76
C LEU B 239 15.44 -11.90 -14.78
N GLY B 241 13.02 -12.35 -13.05
CA GLY B 241 11.64 -12.76 -13.21
C GLY B 241 11.36 -13.47 -14.53
N GLY B 242 12.38 -13.62 -15.36
CA GLY B 242 12.22 -14.31 -16.64
C GLY B 242 11.65 -13.50 -17.79
N CYS B 243 11.92 -12.19 -17.82
CA CYS B 243 11.41 -11.37 -18.91
C CYS B 243 12.07 -11.81 -20.23
N SER B 244 11.36 -11.62 -21.34
CA SER B 244 11.91 -11.98 -22.64
C SER B 244 12.96 -10.96 -23.04
N GLN B 245 12.75 -9.71 -22.63
CA GLN B 245 13.67 -8.63 -22.92
C GLN B 245 13.42 -7.45 -22.00
N VAL B 246 14.49 -6.78 -21.58
CA VAL B 246 14.35 -5.60 -20.74
C VAL B 246 15.24 -4.48 -21.27
N VAL B 247 14.61 -3.36 -21.59
CA VAL B 247 15.33 -2.19 -22.11
C VAL B 247 15.48 -1.16 -20.99
N SER B 248 16.73 -0.82 -20.65
CA SER B 248 17.00 0.15 -19.60
C SER B 248 17.44 1.48 -20.20
N VAL B 249 16.77 2.56 -19.82
CA VAL B 249 17.11 3.88 -20.35
C VAL B 249 17.54 4.84 -19.25
N ASP B 250 18.67 5.51 -19.50
CA ASP B 250 19.18 6.47 -18.52
C ASP B 250 20.11 7.45 -19.22
N THR B 251 20.24 8.64 -18.64
CA THR B 251 21.10 9.68 -19.19
C THR B 251 22.57 9.47 -18.83
N SER B 252 22.84 8.62 -17.84
CA SER B 252 24.20 8.37 -17.39
C SER B 252 24.80 7.05 -17.89
N GLN B 253 25.87 7.16 -18.67
CA GLN B 253 26.52 5.98 -19.21
C GLN B 253 27.13 5.18 -18.07
N GLU B 254 27.66 5.88 -17.08
CA GLU B 254 28.26 5.21 -15.93
C GLU B 254 27.27 4.30 -15.24
N ALA B 255 26.05 4.80 -15.03
CA ALA B 255 25.02 4.02 -14.38
C ALA B 255 24.68 2.80 -15.24
N LEU B 256 24.58 3.00 -16.55
CA LEU B 256 24.25 1.91 -17.47
C LEU B 256 25.35 0.84 -17.48
N ASP B 257 26.61 1.26 -17.32
CA ASP B 257 27.72 0.32 -17.29
C ASP B 257 27.62 -0.55 -16.03
N ILE B 258 27.25 0.07 -14.92
CA ILE B 258 27.09 -0.65 -13.67
C ILE B 258 25.92 -1.61 -13.82
N ALA B 259 24.87 -1.16 -14.51
CA ALA B 259 23.70 -2.00 -14.74
C ALA B 259 24.13 -3.27 -15.45
N ARG B 260 24.97 -3.13 -16.49
CA ARG B 260 25.44 -4.29 -17.23
C ARG B 260 26.32 -5.18 -16.36
N GLN B 261 27.11 -4.56 -15.48
CA GLN B 261 27.96 -5.33 -14.59
C GLN B 261 27.07 -6.12 -13.64
N ASN B 262 25.93 -5.55 -13.26
CA ASN B 262 24.99 -6.23 -12.38
C ASN B 262 24.43 -7.49 -13.04
N VAL B 263 24.06 -7.39 -14.32
CA VAL B 263 23.52 -8.53 -15.04
C VAL B 263 24.55 -9.65 -15.10
N GLU B 264 25.78 -9.30 -15.40
CA GLU B 264 26.86 -10.26 -15.49
C GLU B 264 27.12 -10.89 -14.11
N LEU B 265 27.10 -10.05 -13.07
CA LEU B 265 27.34 -10.51 -11.71
C LEU B 265 26.38 -11.61 -11.30
N ASN B 266 25.12 -11.47 -11.72
CA ASN B 266 24.09 -12.45 -11.39
C ASN B 266 24.03 -13.57 -12.42
N LYS B 267 25.02 -13.60 -13.31
CA LYS B 267 25.10 -14.59 -14.37
C LYS B 267 23.79 -14.70 -15.15
N LEU B 268 23.23 -13.54 -15.49
CA LEU B 268 21.99 -13.52 -16.23
C LEU B 268 22.29 -13.39 -17.72
N ASP B 269 21.25 -13.51 -18.55
CA ASP B 269 21.41 -13.44 -20.00
C ASP B 269 21.52 -12.01 -20.55
N LEU B 270 22.74 -11.61 -20.93
CA LEU B 270 22.95 -10.28 -21.48
C LEU B 270 22.20 -10.09 -22.81
N SER B 271 22.00 -11.18 -23.53
CA SER B 271 21.30 -11.12 -24.82
C SER B 271 19.90 -10.55 -24.67
N LYS B 272 19.31 -10.73 -23.49
CA LYS B 272 17.96 -10.27 -23.22
C LYS B 272 17.89 -8.85 -22.63
N ALA B 273 19.03 -8.16 -22.55
CA ALA B 273 19.04 -6.83 -21.97
C ALA B 273 19.68 -5.75 -22.85
N GLU B 274 19.02 -4.60 -22.92
CA GLU B 274 19.50 -3.48 -23.71
C GLU B 274 19.70 -2.27 -22.79
N PHE B 275 20.77 -1.52 -23.01
CA PHE B 275 21.05 -0.34 -22.19
C PHE B 275 21.15 0.85 -23.11
N VAL B 276 20.17 1.74 -23.04
CA VAL B 276 20.12 2.91 -23.91
C VAL B 276 20.40 4.21 -23.17
N ARG B 277 21.45 4.90 -23.57
CA ARG B 277 21.79 6.17 -22.96
C ARG B 277 21.12 7.26 -23.78
N ASP B 278 20.16 7.95 -23.19
CA ASP B 278 19.46 9.01 -23.92
C ASP B 278 18.50 9.78 -23.02
N ASP B 279 18.14 10.98 -23.47
CA ASP B 279 17.19 11.81 -22.76
C ASP B 279 15.93 10.97 -22.71
N VAL B 280 15.52 10.55 -21.50
CA VAL B 280 14.35 9.70 -21.33
C VAL B 280 13.13 10.18 -22.10
N PHE B 281 12.78 11.46 -21.94
CA PHE B 281 11.63 12.04 -22.63
C PHE B 281 11.78 11.90 -24.14
N LYS B 282 12.98 12.17 -24.64
CA LYS B 282 13.27 12.08 -26.06
C LYS B 282 13.12 10.64 -26.56
N LEU B 283 13.65 9.68 -25.80
CA LEU B 283 13.54 8.28 -26.20
C LEU B 283 12.09 7.83 -26.18
N LEU B 284 11.37 8.19 -25.12
CA LEU B 284 9.97 7.80 -25.00
C LEU B 284 9.14 8.29 -26.19
N ARG B 285 9.37 9.53 -26.62
CA ARG B 285 8.63 10.07 -27.74
C ARG B 285 9.03 9.36 -29.03
N THR B 286 10.32 9.07 -29.18
CA THR B 286 10.78 8.36 -30.37
C THR B 286 10.08 7.01 -30.44
N TYR B 287 10.06 6.28 -29.32
CA TYR B 287 9.39 4.99 -29.27
C TYR B 287 7.91 5.11 -29.60
N ARG B 288 7.23 6.07 -28.98
CA ARG B 288 5.80 6.25 -29.23
C ARG B 288 5.50 6.62 -30.67
N ASP B 289 6.23 7.58 -31.22
CA ASP B 289 5.99 8.00 -32.59
C ASP B 289 6.03 6.85 -33.59
N ARG B 290 6.85 5.83 -33.33
CA ARG B 290 6.90 4.71 -34.26
C ARG B 290 6.08 3.50 -33.76
N GLY B 291 5.33 3.70 -32.69
CA GLY B 291 4.49 2.63 -32.17
C GLY B 291 5.13 1.48 -31.40
N GLU B 292 6.24 1.74 -30.72
CA GLU B 292 6.90 0.69 -29.94
C GLU B 292 5.94 0.27 -28.83
N LYS B 293 5.93 -1.02 -28.50
CA LYS B 293 5.04 -1.50 -27.45
C LYS B 293 5.76 -2.37 -26.43
N PHE B 294 5.36 -2.25 -25.17
CA PHE B 294 5.94 -3.02 -24.08
C PHE B 294 4.83 -3.62 -23.22
N ASP B 295 5.15 -4.67 -22.47
CA ASP B 295 4.18 -5.34 -21.61
C ASP B 295 4.28 -4.78 -20.19
N VAL B 296 5.50 -4.39 -19.81
CA VAL B 296 5.75 -3.84 -18.48
C VAL B 296 6.70 -2.65 -18.57
N ILE B 297 6.34 -1.55 -17.91
CA ILE B 297 7.18 -0.36 -17.91
C ILE B 297 7.37 0.09 -16.46
N VAL B 298 8.62 0.27 -16.07
CA VAL B 298 8.95 0.75 -14.73
C VAL B 298 9.34 2.20 -14.91
N ASP B 300 10.56 5.39 -12.70
CA ASP B 300 10.96 5.99 -11.42
C ASP B 300 11.93 7.15 -11.63
N PRO B 301 11.39 8.32 -12.03
CA PRO B 301 12.13 9.55 -12.28
C PRO B 301 12.70 10.20 -11.02
N PRO B 302 13.70 11.06 -11.20
CA PRO B 302 14.30 11.73 -10.06
C PRO B 302 13.59 13.05 -9.79
N LYS B 303 14.32 14.03 -9.26
CA LYS B 303 13.74 15.32 -8.97
C LYS B 303 12.80 15.71 -10.10
N PHE B 304 11.50 15.56 -9.86
CA PHE B 304 10.46 15.86 -10.83
C PHE B 304 10.69 16.90 -11.90
N VAL B 305 11.79 17.65 -11.80
CA VAL B 305 12.08 18.68 -12.77
C VAL B 305 11.92 19.98 -12.03
N GLU B 306 10.70 20.25 -11.59
CA GLU B 306 10.41 21.45 -10.84
C GLU B 306 10.81 21.19 -9.40
N ASN B 307 11.97 20.54 -9.23
CA ASN B 307 12.46 20.22 -7.91
C ASN B 307 12.76 21.49 -7.11
N LYS B 308 12.79 21.36 -5.80
CA LYS B 308 13.05 22.51 -4.95
C LYS B 308 11.91 23.50 -5.04
N SER B 309 11.21 23.47 -6.18
CA SER B 309 10.10 24.37 -6.41
C SER B 309 8.93 24.06 -5.50
N GLN B 310 9.18 24.10 -4.20
CA GLN B 310 8.12 23.83 -3.23
C GLN B 310 7.03 24.84 -3.48
N LEU B 311 7.43 26.03 -3.90
CA LEU B 311 6.47 27.07 -4.20
C LEU B 311 5.86 26.73 -5.53
N GLY B 313 5.38 24.73 -7.83
CA GLY B 313 5.59 23.33 -8.12
C GLY B 313 5.07 23.02 -9.50
N ALA B 314 3.78 22.75 -9.60
CA ALA B 314 3.12 22.44 -10.86
C ALA B 314 3.99 21.60 -11.78
N CYS B 315 4.84 20.77 -11.18
CA CYS B 315 5.76 19.91 -11.93
C CYS B 315 5.05 18.72 -12.58
N ARG B 316 4.22 19.02 -13.57
CA ARG B 316 3.49 17.98 -14.28
C ARG B 316 4.36 17.32 -15.35
N GLY B 317 5.60 17.04 -14.97
CA GLY B 317 6.50 16.34 -15.85
C GLY B 317 6.07 14.91 -15.60
N TYR B 318 5.37 14.73 -14.48
CA TYR B 318 4.85 13.44 -14.08
C TYR B 318 3.72 13.00 -15.01
N LYS B 319 2.85 13.95 -15.37
CA LYS B 319 1.74 13.64 -16.26
C LYS B 319 2.26 13.25 -17.63
N ASP B 320 3.22 14.02 -18.13
CA ASP B 320 3.79 13.74 -19.44
C ASP B 320 4.51 12.40 -19.48
N ILE B 321 5.27 12.12 -18.43
CA ILE B 321 6.03 10.87 -18.38
C ILE B 321 5.09 9.67 -18.27
N ASN B 322 4.08 9.76 -17.42
CA ASN B 322 3.14 8.67 -17.27
C ASN B 322 2.20 8.51 -18.46
N LEU B 324 3.09 9.16 -21.61
CA LEU B 324 3.91 8.49 -22.62
C LEU B 324 4.00 7.01 -22.31
N ALA B 325 4.17 6.68 -21.04
CA ALA B 325 4.27 5.28 -20.64
C ALA B 325 3.00 4.52 -21.02
N ILE B 326 1.84 5.09 -20.70
CA ILE B 326 0.58 4.44 -21.01
C ILE B 326 0.45 4.22 -22.52
N GLN B 327 0.89 5.20 -23.31
CA GLN B 327 0.83 5.09 -24.77
C GLN B 327 1.76 4.00 -25.31
N LEU B 328 2.76 3.59 -24.52
CA LEU B 328 3.70 2.55 -24.96
C LEU B 328 3.34 1.15 -24.48
N LEU B 329 2.20 1.03 -23.82
CA LEU B 329 1.76 -0.25 -23.30
C LEU B 329 0.73 -0.98 -24.16
N ASN B 330 0.86 -2.30 -24.22
CA ASN B 330 -0.08 -3.15 -24.96
C ASN B 330 -1.31 -3.24 -24.06
N GLU B 331 -2.38 -3.85 -24.56
CA GLU B 331 -3.56 -4.00 -23.72
C GLU B 331 -3.14 -5.01 -22.65
N GLY B 332 -3.43 -4.73 -21.39
CA GLY B 332 -3.03 -5.65 -20.33
C GLY B 332 -1.62 -5.32 -19.86
N GLY B 333 -1.03 -4.30 -20.47
CA GLY B 333 0.30 -3.88 -20.08
C GLY B 333 0.26 -3.34 -18.66
N ILE B 334 1.37 -3.46 -17.95
CA ILE B 334 1.44 -2.99 -16.58
C ILE B 334 2.48 -1.90 -16.40
N LEU B 335 2.06 -0.82 -15.74
CA LEU B 335 2.92 0.31 -15.45
C LEU B 335 3.22 0.39 -13.96
N LEU B 336 4.50 0.33 -13.60
CA LEU B 336 4.93 0.45 -12.22
C LEU B 336 5.57 1.84 -12.18
N THR B 337 4.83 2.80 -11.65
CA THR B 337 5.28 4.19 -11.64
C THR B 337 5.44 4.74 -10.21
N PHE B 338 6.48 5.55 -10.02
CA PHE B 338 6.79 6.10 -8.70
C PHE B 338 7.05 7.59 -8.62
N SER B 339 7.16 8.07 -7.39
CA SER B 339 7.44 9.47 -7.11
C SER B 339 7.82 9.64 -5.64
N CYS B 340 8.90 10.38 -5.39
CA CYS B 340 9.34 10.65 -4.03
C CYS B 340 9.40 12.16 -3.83
N SER B 341 8.79 12.90 -4.75
CA SER B 341 8.78 14.36 -4.68
C SER B 341 8.00 14.87 -3.47
N GLY B 342 8.54 15.89 -2.82
CA GLY B 342 7.89 16.44 -1.65
C GLY B 342 6.73 17.36 -2.01
N LEU B 343 6.54 17.57 -3.31
CA LEU B 343 5.46 18.44 -3.79
C LEU B 343 4.16 17.71 -4.03
N THR B 345 1.44 14.21 -2.82
CA THR B 345 1.04 13.12 -1.96
C THR B 345 0.67 11.92 -2.84
N SER B 346 0.26 10.84 -2.18
CA SER B 346 -0.14 9.63 -2.88
C SER B 346 -1.43 9.94 -3.65
N ASP B 347 -2.33 10.68 -3.02
CA ASP B 347 -3.59 11.04 -3.63
C ASP B 347 -3.42 11.91 -4.86
N LEU B 348 -2.55 12.92 -4.77
CA LEU B 348 -2.30 13.79 -5.90
C LEU B 348 -1.60 13.03 -7.03
N PHE B 349 -0.73 12.10 -6.65
CA PHE B 349 -0.01 11.29 -7.63
C PHE B 349 -1.04 10.44 -8.37
N GLN B 350 -2.02 9.92 -7.64
CA GLN B 350 -3.06 9.11 -8.25
C GLN B 350 -3.87 9.91 -9.26
N LYS B 351 -4.20 11.15 -8.93
CA LYS B 351 -4.97 12.00 -9.84
C LYS B 351 -4.19 12.27 -11.12
N ILE B 352 -2.87 12.44 -11.00
CA ILE B 352 -2.04 12.71 -12.16
C ILE B 352 -2.08 11.51 -13.10
N ILE B 353 -1.96 10.32 -12.54
CA ILE B 353 -1.99 9.10 -13.34
C ILE B 353 -3.35 9.00 -14.03
N ALA B 354 -4.41 9.22 -13.27
CA ALA B 354 -5.76 9.17 -13.83
C ALA B 354 -5.89 10.15 -14.98
N ASP B 355 -5.30 11.33 -14.82
CA ASP B 355 -5.35 12.36 -15.85
C ASP B 355 -4.50 11.98 -17.07
N ALA B 356 -3.37 11.33 -16.82
CA ALA B 356 -2.50 10.90 -17.90
C ALA B 356 -3.26 9.88 -18.74
N ALA B 357 -4.00 9.01 -18.06
CA ALA B 357 -4.80 7.98 -18.72
C ALA B 357 -5.84 8.61 -19.64
N ILE B 358 -6.56 9.61 -19.15
CA ILE B 358 -7.57 10.28 -19.95
C ILE B 358 -6.98 10.88 -21.22
N ASP B 359 -5.87 11.60 -21.09
CA ASP B 359 -5.23 12.22 -22.24
C ASP B 359 -4.65 11.18 -23.21
N ALA B 360 -4.23 10.05 -22.67
CA ALA B 360 -3.67 9.00 -23.51
C ALA B 360 -4.80 8.23 -24.20
N GLY B 361 -6.03 8.48 -23.76
CA GLY B 361 -7.18 7.82 -24.35
C GLY B 361 -7.34 6.37 -23.93
N ARG B 362 -6.86 6.03 -22.74
CA ARG B 362 -6.95 4.67 -22.25
C ARG B 362 -7.21 4.65 -20.74
N ASP B 363 -8.04 3.72 -20.29
CA ASP B 363 -8.33 3.61 -18.86
C ASP B 363 -7.33 2.67 -18.23
N VAL B 364 -7.00 2.91 -16.98
CA VAL B 364 -6.07 2.06 -16.26
C VAL B 364 -6.65 1.68 -14.90
N GLN B 365 -6.30 0.48 -14.43
CA GLN B 365 -6.77 0.03 -13.14
C GLN B 365 -5.60 -0.01 -12.17
N PHE B 366 -5.83 0.51 -10.97
CA PHE B 366 -4.80 0.47 -9.94
C PHE B 366 -4.93 -0.93 -9.36
N ILE B 367 -3.85 -1.69 -9.40
CA ILE B 367 -3.89 -3.06 -8.89
C ILE B 367 -2.95 -3.32 -7.71
N GLU B 368 -2.11 -2.33 -7.40
CA GLU B 368 -1.17 -2.46 -6.31
C GLU B 368 -0.63 -1.08 -5.92
N GLN B 369 -0.29 -0.92 -4.66
CA GLN B 369 0.27 0.33 -4.16
C GLN B 369 1.57 -0.04 -3.48
N PHE B 370 2.65 0.63 -3.86
CA PHE B 370 3.95 0.34 -3.28
C PHE B 370 4.27 1.27 -2.11
N ARG B 371 5.23 0.86 -1.31
CA ARG B 371 5.63 1.62 -0.13
C ARG B 371 7.12 1.41 0.11
N GLN B 372 7.75 2.36 0.78
CA GLN B 372 9.18 2.23 1.07
C GLN B 372 9.32 0.95 1.88
N ALA B 373 10.44 0.25 1.69
CA ALA B 373 10.69 -1.02 2.39
C ALA B 373 10.61 -0.94 3.91
N ALA B 374 10.40 -2.09 4.54
CA ALA B 374 10.25 -2.22 5.99
C ALA B 374 11.41 -1.73 6.85
N ASP B 375 12.57 -1.52 6.24
CA ASP B 375 13.72 -1.01 6.99
C ASP B 375 13.62 0.52 6.97
N HIS B 376 12.55 1.02 6.36
CA HIS B 376 12.27 2.45 6.30
C HIS B 376 10.89 2.60 6.95
N PRO B 377 10.78 2.18 8.22
CA PRO B 377 9.50 2.25 8.94
C PRO B 377 9.05 3.69 9.13
N VAL B 378 7.76 3.86 9.38
CA VAL B 378 7.21 5.19 9.63
C VAL B 378 6.57 5.13 11.02
N ILE B 379 7.18 5.79 11.99
CA ILE B 379 6.63 5.80 13.35
C ILE B 379 5.27 6.51 13.24
N ALA B 380 4.27 6.00 13.95
CA ALA B 380 2.92 6.54 13.88
C ALA B 380 2.76 8.00 14.29
N THR B 381 3.72 8.51 15.06
CA THR B 381 3.70 9.88 15.53
C THR B 381 4.30 10.84 14.50
N TYR B 382 4.78 10.29 13.40
CA TYR B 382 5.41 11.08 12.36
C TYR B 382 4.99 10.60 10.97
N PRO B 383 3.71 10.78 10.63
CA PRO B 383 3.20 10.35 9.32
C PRO B 383 3.97 10.91 8.12
N GLU B 384 4.53 12.10 8.29
CA GLU B 384 5.31 12.73 7.22
C GLU B 384 6.46 11.82 6.76
N GLY B 385 6.81 10.85 7.60
CA GLY B 385 7.89 9.93 7.27
C GLY B 385 7.66 9.10 6.01
N LEU B 386 6.41 8.96 5.60
CA LEU B 386 6.09 8.20 4.40
C LEU B 386 6.34 9.11 3.20
N TYR B 387 7.45 8.89 2.50
CA TYR B 387 7.79 9.73 1.36
C TYR B 387 7.71 9.06 0.00
N LEU B 388 7.89 7.74 -0.03
CA LEU B 388 7.86 7.00 -1.28
C LEU B 388 6.44 6.62 -1.71
N LYS B 389 6.05 7.10 -2.88
CA LYS B 389 4.73 6.83 -3.42
C LYS B 389 4.85 6.05 -4.73
N GLY B 390 3.95 5.10 -4.93
CA GLY B 390 4.00 4.31 -6.15
C GLY B 390 2.79 3.41 -6.35
N PHE B 391 2.52 3.07 -7.60
CA PHE B 391 1.40 2.20 -7.95
C PHE B 391 1.72 1.29 -9.12
N ALA B 392 0.98 0.19 -9.20
CA ALA B 392 1.09 -0.76 -10.31
C ALA B 392 -0.24 -0.49 -11.00
N CYS B 393 -0.19 -0.16 -12.28
CA CYS B 393 -1.39 0.15 -13.05
C CYS B 393 -1.49 -0.75 -14.28
N ARG B 394 -2.71 -1.16 -14.58
CA ARG B 394 -2.96 -2.01 -15.73
C ARG B 394 -3.83 -1.32 -16.76
N VAL B 395 -3.35 -1.30 -18.01
CA VAL B 395 -4.07 -0.68 -19.11
C VAL B 395 -5.22 -1.61 -19.53
#